data_3RM5
#
_entry.id   3RM5
#
_cell.length_a   59.704
_cell.length_b   140.096
_cell.length_c   143.273
_cell.angle_alpha   90.000
_cell.angle_beta   90.000
_cell.angle_gamma   90.000
#
_symmetry.space_group_name_H-M   'P 21 21 21'
#
loop_
_entity.id
_entity.type
_entity.pdbx_description
1 polymer 'Hydroxymethylpyrimidine/phosphomethylpyrimidine kinase THI20'
2 non-polymer 'SULFATE ION'
3 water water
#
_entity_poly.entity_id   1
_entity_poly.type   'polypeptide(L)'
_entity_poly.pdbx_seq_one_letter_code
;TYSTVSINTPPPYLTLACNEKLPTVLSIAGTDPSGGAGIEADVKTITAHRCYAMTCITALNAQTPVKVYSINNTPKEVVF
QTLESNLKDMKCNVIKTGMLTAAAIEVLHEKLLQLGENRPKLVVDPVLVATSGSSLAGKDIVSLITEKVAPFADILTPNI
PECYKLLGEERKVNGLQDIFQIAKDLAKITKCSNILVKGGHIPWNDEKEKYITDVLFLGAEQKFIIFKGNFVNTTHTHGT
GCTLASAIASNLARGYSLPQSVYGGIEYVQNAVAIGCDVTKETVKDNGPINHVYAVEIPLEKMLSDECFTASDVIPKKPL
KSAADKIPGGNFYEYLINHPKVKPHWDSYINHEFVKKVADGTLERKKFQFFIEQDYAYLVDYARVHCIAGSKAPCLEDME
KELVIVGGVRTEMGQHEKRLKEVFGVKDPDYFQKIKRGPALRAYSRYFNDVSRRGNWQELVASLTPCLMGYGEALTKMKG
KVTAPEGSVYHEWCETYASSWYREAMDEGEKLLNHILETYPPEQLDTLVTIYAEVCELETNFWTAALEYE
;
_entity_poly.pdbx_strand_id   A,B
#
loop_
_chem_comp.id
_chem_comp.type
_chem_comp.name
_chem_comp.formula
SO4 non-polymer 'SULFATE ION' 'O4 S -2'
#
# COMPACT_ATOMS: atom_id res chain seq x y z
N THR A 1 20.67 -4.56 33.40
CA THR A 1 19.73 -3.58 32.78
C THR A 1 19.06 -4.16 31.54
N TYR A 2 17.76 -4.43 31.64
CA TYR A 2 16.99 -5.05 30.57
C TYR A 2 15.57 -4.50 30.50
N SER A 3 15.05 -4.38 29.27
CA SER A 3 13.69 -3.91 29.04
C SER A 3 12.91 -4.89 28.18
N THR A 4 11.62 -5.04 28.48
CA THR A 4 10.75 -5.91 27.69
C THR A 4 9.90 -5.09 26.74
N VAL A 5 9.97 -5.45 25.45
CA VAL A 5 9.20 -4.82 24.40
C VAL A 5 8.34 -5.88 23.71
N SER A 6 7.03 -5.62 23.65
CA SER A 6 6.08 -6.54 23.04
C SER A 6 5.96 -6.29 21.54
N ILE A 7 6.00 -7.36 20.75
CA ILE A 7 5.77 -7.26 19.31
C ILE A 7 4.28 -7.35 19.01
N ASN A 8 3.78 -6.37 18.26
CA ASN A 8 2.37 -6.28 17.92
C ASN A 8 1.95 -7.36 16.93
N THR A 9 0.67 -7.74 17.00
CA THR A 9 0.06 -8.64 16.03
C THR A 9 -0.10 -7.92 14.68
N PRO A 10 -0.24 -8.66 13.57
CA PRO A 10 -0.45 -8.04 12.27
C PRO A 10 -1.75 -7.23 12.20
N PRO A 11 -1.79 -6.19 11.34
CA PRO A 11 -2.99 -5.36 11.19
C PRO A 11 -4.20 -6.20 10.73
N PRO A 12 -5.27 -6.20 11.55
CA PRO A 12 -6.46 -7.05 11.43
C PRO A 12 -7.00 -7.26 10.02
N TYR A 13 -7.08 -6.18 9.23
CA TYR A 13 -7.59 -6.25 7.86
C TYR A 13 -6.67 -7.00 6.91
N LEU A 14 -5.36 -6.92 7.15
CA LEU A 14 -4.38 -7.60 6.30
C LEU A 14 -4.37 -9.11 6.50
N THR A 15 -4.84 -9.56 7.67
CA THR A 15 -4.92 -10.99 7.98
C THR A 15 -5.98 -11.71 7.14
N LEU A 16 -6.92 -10.94 6.58
CA LEU A 16 -7.96 -11.51 5.71
C LEU A 16 -7.39 -12.21 4.48
N ALA A 17 -6.13 -11.93 4.18
CA ALA A 17 -5.43 -12.57 3.06
C ALA A 17 -4.48 -13.67 3.53
N CYS A 18 -4.79 -14.30 4.67
CA CYS A 18 -3.93 -15.35 5.22
C CYS A 18 -4.01 -16.63 4.39
N ASN A 19 -2.84 -17.26 4.21
CA ASN A 19 -2.65 -18.34 3.25
C ASN A 19 -2.97 -17.92 1.82
N GLU A 20 -2.60 -16.67 1.50
CA GLU A 20 -2.88 -16.08 0.21
C GLU A 20 -2.38 -16.96 -0.93
N LYS A 21 -3.29 -17.31 -1.84
CA LYS A 21 -2.94 -18.06 -3.04
C LYS A 21 -2.27 -17.11 -4.05
N LEU A 22 -1.13 -16.57 -3.64
CA LEU A 22 -0.39 -15.57 -4.41
C LEU A 22 -0.11 -16.02 -5.84
N PRO A 23 -0.27 -15.09 -6.81
CA PRO A 23 0.13 -15.36 -8.19
C PRO A 23 1.65 -15.51 -8.27
N THR A 24 2.10 -16.59 -8.88
CA THR A 24 3.53 -16.90 -8.95
C THR A 24 4.11 -16.55 -10.32
N VAL A 25 5.28 -15.92 -10.31
CA VAL A 25 5.99 -15.61 -11.56
C VAL A 25 7.45 -16.05 -11.47
N LEU A 26 7.85 -16.91 -12.40
CA LEU A 26 9.23 -17.35 -12.52
C LEU A 26 9.94 -16.55 -13.61
N SER A 27 10.95 -15.79 -13.21
CA SER A 27 11.77 -15.07 -14.17
C SER A 27 13.01 -15.89 -14.54
N ILE A 28 13.22 -16.05 -15.84
CA ILE A 28 14.40 -16.70 -16.38
C ILE A 28 15.21 -15.62 -17.10
N ALA A 29 16.23 -15.10 -16.41
CA ALA A 29 16.95 -13.92 -16.91
C ALA A 29 18.35 -13.78 -16.31
N GLY A 30 19.10 -12.81 -16.83
CA GLY A 30 20.42 -12.48 -16.29
C GLY A 30 20.33 -11.41 -15.22
N THR A 31 21.43 -11.21 -14.50
CA THR A 31 21.46 -10.29 -13.38
C THR A 31 21.97 -8.89 -13.77
N ASP A 32 21.39 -7.88 -13.13
CA ASP A 32 21.95 -6.53 -13.12
C ASP A 32 22.17 -6.20 -11.66
N PRO A 33 23.37 -6.50 -11.13
CA PRO A 33 23.64 -6.37 -9.70
C PRO A 33 23.34 -4.99 -9.14
N SER A 34 23.46 -3.96 -9.97
CA SER A 34 23.12 -2.59 -9.58
C SER A 34 21.63 -2.41 -9.28
N GLY A 35 20.82 -3.42 -9.60
CA GLY A 35 19.42 -3.48 -9.22
C GLY A 35 18.43 -2.73 -10.09
N GLY A 36 18.89 -2.22 -11.23
CA GLY A 36 18.05 -1.43 -12.12
C GLY A 36 17.33 -2.22 -13.20
N ALA A 37 18.00 -3.24 -13.73
CA ALA A 37 17.45 -4.11 -14.77
C ALA A 37 17.56 -5.58 -14.36
N GLY A 38 17.36 -6.48 -15.33
CA GLY A 38 17.54 -7.91 -15.12
C GLY A 38 16.63 -8.54 -14.07
N ILE A 39 17.09 -9.67 -13.53
CA ILE A 39 16.33 -10.49 -12.61
C ILE A 39 15.99 -9.79 -11.29
N GLU A 40 16.81 -8.82 -10.87
CA GLU A 40 16.52 -8.06 -9.66
C GLU A 40 15.36 -7.11 -9.88
N ALA A 41 15.36 -6.39 -11.00
CA ALA A 41 14.21 -5.59 -11.43
C ALA A 41 12.96 -6.45 -11.55
N ASP A 42 13.11 -7.64 -12.18
CA ASP A 42 12.01 -8.60 -12.28
C ASP A 42 11.39 -8.89 -10.92
N VAL A 43 12.22 -9.29 -9.96
CA VAL A 43 11.78 -9.59 -8.60
C VAL A 43 11.21 -8.34 -7.92
N LYS A 44 11.83 -7.18 -8.17
CA LYS A 44 11.34 -5.92 -7.65
C LYS A 44 9.90 -5.65 -8.10
N THR A 45 9.64 -5.77 -9.39
CA THR A 45 8.33 -5.42 -9.94
C THR A 45 7.27 -6.47 -9.62
N ILE A 46 7.68 -7.74 -9.62
CA ILE A 46 6.79 -8.83 -9.20
C ILE A 46 6.34 -8.62 -7.76
N THR A 47 7.29 -8.29 -6.88
CA THR A 47 7.02 -7.96 -5.49
C THR A 47 6.12 -6.73 -5.39
N ALA A 48 6.42 -5.70 -6.17
CA ALA A 48 5.61 -4.47 -6.18
C ALA A 48 4.19 -4.71 -6.72
N HIS A 49 3.99 -5.85 -7.38
CA HIS A 49 2.69 -6.24 -7.91
C HIS A 49 1.95 -7.22 -7.00
N ARG A 50 2.45 -7.40 -5.78
CA ARG A 50 1.89 -8.35 -4.81
C ARG A 50 1.83 -9.77 -5.36
N CYS A 51 2.92 -10.17 -6.00
CA CYS A 51 3.05 -11.50 -6.59
C CYS A 51 4.29 -12.19 -6.06
N TYR A 52 4.33 -13.52 -6.19
CA TYR A 52 5.44 -14.32 -5.69
C TYR A 52 6.52 -14.53 -6.75
N ALA A 53 7.68 -13.91 -6.54
CA ALA A 53 8.79 -14.01 -7.48
C ALA A 53 9.58 -15.31 -7.32
N MET A 54 10.06 -15.83 -8.43
CA MET A 54 10.99 -16.95 -8.47
C MET A 54 12.06 -16.67 -9.53
N THR A 55 13.26 -17.22 -9.34
CA THR A 55 14.35 -16.91 -10.26
C THR A 55 14.99 -18.13 -10.92
N CYS A 56 15.58 -17.89 -12.08
CA CYS A 56 16.45 -18.85 -12.74
C CYS A 56 17.50 -18.07 -13.50
N ILE A 57 18.65 -17.88 -12.87
CA ILE A 57 19.71 -17.03 -13.41
C ILE A 57 20.46 -17.74 -14.54
N THR A 58 20.45 -17.11 -15.71
CA THR A 58 21.06 -17.68 -16.91
C THR A 58 22.45 -17.09 -17.16
N ALA A 59 22.69 -15.93 -16.56
CA ALA A 59 23.98 -15.25 -16.64
C ALA A 59 24.24 -14.44 -15.38
N LEU A 60 25.45 -14.55 -14.87
CA LEU A 60 25.88 -13.78 -13.72
C LEU A 60 26.76 -12.64 -14.20
N ASN A 61 26.16 -11.46 -14.33
CA ASN A 61 26.84 -10.31 -14.90
C ASN A 61 27.27 -9.28 -13.87
N ALA A 62 28.24 -8.46 -14.24
CA ALA A 62 28.61 -7.29 -13.47
C ALA A 62 28.15 -6.10 -14.28
N GLN A 63 27.14 -5.40 -13.78
CA GLN A 63 26.50 -4.34 -14.54
C GLN A 63 26.06 -3.18 -13.66
N THR A 64 26.26 -1.97 -14.15
CA THR A 64 25.67 -0.77 -13.58
C THR A 64 25.01 0.02 -14.72
N PRO A 65 24.25 1.09 -14.40
CA PRO A 65 23.72 1.98 -15.44
C PRO A 65 24.80 2.62 -16.34
N VAL A 66 26.06 2.44 -15.98
CA VAL A 66 27.17 2.98 -16.78
C VAL A 66 27.46 2.09 -18.00
N LYS A 67 27.71 0.80 -17.74
CA LYS A 67 28.01 -0.18 -18.80
C LYS A 67 27.95 -1.62 -18.28
N VAL A 68 28.06 -2.58 -19.19
CA VAL A 68 28.17 -3.98 -18.83
C VAL A 68 29.65 -4.29 -18.59
N TYR A 69 30.01 -4.55 -17.33
CA TYR A 69 31.40 -4.76 -16.93
C TYR A 69 31.94 -6.14 -17.32
N SER A 70 31.14 -7.18 -17.07
CA SER A 70 31.48 -8.54 -17.50
C SER A 70 30.24 -9.43 -17.60
N ILE A 71 30.31 -10.43 -18.47
CA ILE A 71 29.25 -11.39 -18.67
C ILE A 71 29.79 -12.79 -18.37
N ASN A 72 29.13 -13.49 -17.44
CA ASN A 72 29.51 -14.87 -17.15
C ASN A 72 28.31 -15.81 -17.22
N ASN A 73 28.26 -16.58 -18.31
CA ASN A 73 27.18 -17.54 -18.53
C ASN A 73 27.16 -18.63 -17.48
N THR A 74 25.96 -19.00 -17.05
CA THR A 74 25.79 -20.05 -16.05
C THR A 74 25.78 -21.43 -16.72
N PRO A 75 26.41 -22.44 -16.08
CA PRO A 75 26.46 -23.79 -16.66
C PRO A 75 25.08 -24.37 -16.94
N LYS A 76 24.94 -25.02 -18.09
CA LYS A 76 23.66 -25.61 -18.52
C LYS A 76 23.04 -26.49 -17.44
N GLU A 77 23.91 -27.21 -16.72
CA GLU A 77 23.50 -28.09 -15.64
C GLU A 77 22.78 -27.32 -14.54
N VAL A 78 23.36 -26.18 -14.16
CA VAL A 78 22.81 -25.30 -13.12
C VAL A 78 21.43 -24.80 -13.51
N VAL A 79 21.31 -24.32 -14.74
CA VAL A 79 20.04 -23.83 -15.28
C VAL A 79 19.00 -24.95 -15.29
N PHE A 80 19.41 -26.14 -15.74
CA PHE A 80 18.56 -27.31 -15.72
C PHE A 80 18.08 -27.61 -14.31
N GLN A 81 19.01 -27.67 -13.37
CA GLN A 81 18.71 -27.99 -11.98
C GLN A 81 17.78 -26.95 -11.35
N THR A 82 18.06 -25.67 -11.60
CA THR A 82 17.22 -24.59 -11.10
C THR A 82 15.81 -24.72 -11.64
N LEU A 83 15.68 -24.84 -12.97
CA LEU A 83 14.39 -24.97 -13.64
C LEU A 83 13.62 -26.20 -13.19
N GLU A 84 14.30 -27.35 -13.14
CA GLU A 84 13.69 -28.64 -12.85
C GLU A 84 13.13 -28.70 -11.44
N SER A 85 13.93 -28.26 -10.48
CA SER A 85 13.54 -28.30 -9.06
C SER A 85 12.44 -27.28 -8.73
N ASN A 86 12.51 -26.09 -9.33
CA ASN A 86 11.50 -25.05 -9.13
C ASN A 86 10.09 -25.51 -9.50
N LEU A 87 9.95 -26.02 -10.72
CA LEU A 87 8.67 -26.46 -11.25
C LEU A 87 8.14 -27.74 -10.60
N LYS A 88 9.06 -28.52 -10.02
CA LYS A 88 8.72 -29.77 -9.37
C LYS A 88 7.95 -29.55 -8.06
N ASP A 89 8.28 -28.46 -7.35
CA ASP A 89 7.79 -28.24 -6.00
C ASP A 89 6.99 -26.95 -5.83
N MET A 90 7.23 -25.98 -6.72
CA MET A 90 6.53 -24.70 -6.65
C MET A 90 5.41 -24.63 -7.67
N LYS A 91 4.32 -23.99 -7.27
CA LYS A 91 3.26 -23.64 -8.21
C LYS A 91 3.78 -22.50 -9.10
N CYS A 92 3.49 -22.58 -10.39
CA CYS A 92 3.92 -21.56 -11.33
C CYS A 92 2.82 -21.21 -12.32
N ASN A 93 2.38 -19.96 -12.28
CA ASN A 93 1.34 -19.46 -13.18
C ASN A 93 1.92 -18.96 -14.50
N VAL A 94 3.02 -18.22 -14.40
CA VAL A 94 3.62 -17.56 -15.56
C VAL A 94 5.15 -17.59 -15.49
N ILE A 95 5.76 -17.83 -16.63
CA ILE A 95 7.19 -17.64 -16.81
C ILE A 95 7.40 -16.40 -17.66
N LYS A 96 8.31 -15.53 -17.23
CA LYS A 96 8.79 -14.47 -18.11
C LYS A 96 10.29 -14.66 -18.34
N THR A 97 10.75 -14.33 -19.55
CA THR A 97 12.15 -14.49 -19.90
C THR A 97 12.82 -13.15 -20.17
N GLY A 98 14.09 -13.06 -19.78
CA GLY A 98 14.90 -11.89 -20.06
C GLY A 98 16.10 -12.28 -20.92
N MET A 99 17.29 -12.06 -20.38
CA MET A 99 18.52 -12.48 -21.06
C MET A 99 18.60 -14.01 -21.06
N LEU A 100 18.69 -14.58 -22.26
CA LEU A 100 18.75 -16.04 -22.42
C LEU A 100 20.00 -16.46 -23.18
N THR A 101 20.65 -17.52 -22.69
CA THR A 101 21.80 -18.08 -23.39
C THR A 101 21.36 -19.27 -24.24
N ALA A 102 22.24 -19.69 -25.15
CA ALA A 102 22.01 -20.90 -25.96
C ALA A 102 21.74 -22.10 -25.06
N ALA A 103 22.44 -22.15 -23.92
CA ALA A 103 22.26 -23.20 -22.93
C ALA A 103 20.88 -23.12 -22.27
N ALA A 104 20.47 -21.90 -21.91
CA ALA A 104 19.19 -21.66 -21.26
C ALA A 104 18.02 -22.02 -22.17
N ILE A 105 18.09 -21.55 -23.42
CA ILE A 105 17.09 -21.82 -24.45
C ILE A 105 16.88 -23.33 -24.61
N GLU A 106 17.99 -24.06 -24.74
CA GLU A 106 17.96 -25.51 -24.90
C GLU A 106 17.20 -26.19 -23.75
N VAL A 107 17.53 -25.80 -22.52
CA VAL A 107 16.86 -26.32 -21.33
C VAL A 107 15.38 -25.94 -21.33
N LEU A 108 15.11 -24.65 -21.48
CA LEU A 108 13.75 -24.13 -21.44
C LEU A 108 12.85 -24.74 -22.52
N HIS A 109 13.38 -24.89 -23.72
CA HIS A 109 12.64 -25.51 -24.83
C HIS A 109 12.21 -26.94 -24.48
N GLU A 110 13.17 -27.74 -24.01
CA GLU A 110 12.91 -29.12 -23.58
C GLU A 110 11.81 -29.20 -22.53
N LYS A 111 11.83 -28.28 -21.58
CA LYS A 111 10.84 -28.25 -20.50
C LYS A 111 9.45 -27.88 -21.00
N LEU A 112 9.39 -26.98 -21.99
CA LEU A 112 8.12 -26.59 -22.59
C LEU A 112 7.49 -27.71 -23.42
N LEU A 113 8.35 -28.52 -24.05
CA LEU A 113 7.87 -29.71 -24.78
C LEU A 113 7.36 -30.77 -23.82
N GLN A 114 8.10 -31.02 -22.75
CA GLN A 114 7.74 -32.00 -21.74
C GLN A 114 6.42 -31.64 -21.04
N LEU A 115 6.25 -30.36 -20.76
CA LEU A 115 5.07 -29.85 -20.06
C LEU A 115 3.81 -29.83 -20.95
N GLY A 116 4.02 -29.71 -22.25
CA GLY A 116 2.94 -29.72 -23.23
C GLY A 116 1.98 -28.55 -23.08
N GLU A 117 0.69 -28.86 -23.00
CA GLU A 117 -0.36 -27.84 -22.89
C GLU A 117 -0.63 -27.46 -21.44
N ASN A 118 -0.12 -28.27 -20.51
CA ASN A 118 -0.29 -28.01 -19.08
C ASN A 118 0.75 -27.04 -18.52
N ARG A 119 1.56 -26.46 -19.40
CA ARG A 119 2.60 -25.50 -19.01
C ARG A 119 2.02 -24.15 -18.60
N PRO A 120 2.79 -23.36 -17.82
CA PRO A 120 2.34 -22.03 -17.44
C PRO A 120 2.47 -21.03 -18.60
N LYS A 121 1.82 -19.88 -18.47
CA LYS A 121 1.87 -18.83 -19.49
C LYS A 121 3.29 -18.28 -19.67
N LEU A 122 3.61 -17.85 -20.88
CA LEU A 122 4.96 -17.40 -21.20
C LEU A 122 4.96 -15.97 -21.76
N VAL A 123 5.78 -15.13 -21.15
CA VAL A 123 5.98 -13.75 -21.59
C VAL A 123 7.45 -13.62 -21.98
N VAL A 124 7.70 -13.37 -23.26
CA VAL A 124 9.08 -13.25 -23.73
C VAL A 124 9.47 -11.81 -24.01
N ASP A 125 10.43 -11.31 -23.24
CA ASP A 125 11.03 -10.00 -23.49
C ASP A 125 12.37 -10.20 -24.17
N PRO A 126 12.43 -9.91 -25.49
CA PRO A 126 13.65 -10.15 -26.25
C PRO A 126 14.76 -9.20 -25.80
N VAL A 127 15.84 -9.75 -25.26
CA VAL A 127 17.02 -8.98 -24.92
C VAL A 127 18.11 -9.30 -25.94
N LEU A 128 18.29 -8.40 -26.90
CA LEU A 128 19.26 -8.60 -27.99
C LEU A 128 20.20 -7.41 -28.13
N GLY A 138 25.28 -12.31 -30.50
CA GLY A 138 24.08 -13.13 -30.44
C GLY A 138 23.55 -13.48 -31.82
N LYS A 139 24.41 -14.09 -32.63
CA LYS A 139 24.08 -14.45 -34.01
C LYS A 139 22.97 -15.49 -34.07
N ASP A 140 23.11 -16.55 -33.27
CA ASP A 140 22.14 -17.64 -33.24
C ASP A 140 20.99 -17.38 -32.26
N ILE A 141 21.23 -16.56 -31.24
CA ILE A 141 20.25 -16.29 -30.18
C ILE A 141 18.93 -15.77 -30.73
N VAL A 142 18.99 -14.80 -31.64
CA VAL A 142 17.80 -14.23 -32.27
C VAL A 142 17.02 -15.29 -33.04
N SER A 143 17.74 -16.19 -33.72
CA SER A 143 17.12 -17.30 -34.43
C SER A 143 16.58 -18.37 -33.45
N LEU A 144 17.32 -18.61 -32.38
CA LEU A 144 16.93 -19.60 -31.38
C LEU A 144 15.70 -19.18 -30.59
N ILE A 145 15.62 -17.90 -30.25
CA ILE A 145 14.42 -17.34 -29.62
C ILE A 145 13.21 -17.51 -30.55
N THR A 146 13.40 -17.17 -31.83
CA THR A 146 12.35 -17.26 -32.85
C THR A 146 11.76 -18.66 -32.98
N GLU A 147 12.63 -19.65 -33.14
CA GLU A 147 12.18 -21.01 -33.43
C GLU A 147 11.96 -21.89 -32.20
N LYS A 148 12.74 -21.68 -31.14
CA LYS A 148 12.69 -22.56 -29.98
C LYS A 148 11.85 -22.02 -28.83
N VAL A 149 11.77 -20.69 -28.68
CA VAL A 149 11.13 -20.09 -27.51
C VAL A 149 9.79 -19.41 -27.83
N ALA A 150 9.79 -18.59 -28.88
CA ALA A 150 8.64 -17.74 -29.24
C ALA A 150 7.34 -18.47 -29.62
N PRO A 151 7.40 -19.63 -30.28
CA PRO A 151 6.15 -20.33 -30.59
C PRO A 151 5.32 -20.71 -29.35
N PHE A 152 5.98 -20.77 -28.20
CA PHE A 152 5.34 -21.13 -26.93
C PHE A 152 4.82 -19.91 -26.18
N ALA A 153 5.26 -18.71 -26.59
CA ALA A 153 4.92 -17.47 -25.90
C ALA A 153 3.46 -17.07 -26.02
N ASP A 154 2.98 -16.34 -25.01
CA ASP A 154 1.66 -15.73 -25.06
C ASP A 154 1.76 -14.24 -25.39
N ILE A 155 2.99 -13.73 -25.41
CA ILE A 155 3.28 -12.34 -25.81
C ILE A 155 4.78 -12.08 -26.00
N LEU A 156 5.11 -11.45 -27.13
CA LEU A 156 6.44 -10.89 -27.36
C LEU A 156 6.41 -9.39 -27.12
N THR A 157 7.48 -8.86 -26.54
CA THR A 157 7.56 -7.43 -26.23
C THR A 157 8.85 -6.77 -26.73
N PRO A 158 9.06 -6.75 -28.06
CA PRO A 158 10.28 -6.13 -28.57
C PRO A 158 10.15 -4.63 -28.81
N ASN A 159 11.28 -3.91 -28.70
CA ASN A 159 11.34 -2.54 -29.17
C ASN A 159 11.59 -2.56 -30.68
N ILE A 160 11.37 -1.42 -31.34
CA ILE A 160 11.47 -1.36 -32.80
C ILE A 160 12.85 -1.82 -33.33
N PRO A 161 13.96 -1.36 -32.72
CA PRO A 161 15.27 -1.90 -33.13
C PRO A 161 15.35 -3.42 -33.02
N GLU A 162 14.73 -3.99 -31.99
CA GLU A 162 14.73 -5.44 -31.78
C GLU A 162 13.75 -6.14 -32.71
N CYS A 163 12.76 -5.39 -33.20
CA CYS A 163 11.87 -5.88 -34.24
C CYS A 163 12.65 -6.10 -35.54
N TYR A 164 13.61 -5.21 -35.80
CA TYR A 164 14.47 -5.31 -36.97
C TYR A 164 15.47 -6.47 -36.89
N LYS A 165 15.90 -6.78 -35.66
CA LYS A 165 16.84 -7.88 -35.42
C LYS A 165 16.15 -9.23 -35.59
N LEU A 166 14.87 -9.29 -35.26
CA LEU A 166 14.10 -10.52 -35.32
C LEU A 166 13.76 -10.96 -36.75
N LEU A 167 13.23 -10.05 -37.56
CA LEU A 167 12.93 -10.37 -38.96
C LEU A 167 14.15 -10.28 -39.90
N GLY A 168 15.08 -9.38 -39.59
CA GLY A 168 16.33 -9.28 -40.33
C GLY A 168 16.41 -8.17 -41.36
N GLU A 169 15.53 -7.19 -41.26
CA GLU A 169 15.56 -6.01 -42.14
C GLU A 169 15.22 -4.72 -41.39
N GLU A 170 15.96 -3.64 -41.70
CA GLU A 170 15.73 -2.34 -41.09
C GLU A 170 14.68 -1.54 -41.87
N ARG A 171 13.44 -1.56 -41.36
CA ARG A 171 12.31 -0.89 -42.02
C ARG A 171 12.16 0.57 -41.61
N LYS A 172 11.54 1.35 -42.49
CA LYS A 172 11.24 2.76 -42.22
C LYS A 172 9.86 2.90 -41.61
N VAL A 173 9.80 3.47 -40.41
CA VAL A 173 8.53 3.66 -39.70
C VAL A 173 8.01 5.09 -39.89
N ASN A 174 7.28 5.31 -40.99
CA ASN A 174 6.68 6.60 -41.29
C ASN A 174 5.51 6.92 -40.36
N GLY A 175 4.50 6.06 -40.37
CA GLY A 175 3.30 6.26 -39.58
C GLY A 175 2.94 5.06 -38.71
N LEU A 176 1.66 4.70 -38.74
CA LEU A 176 1.12 3.66 -37.85
C LEU A 176 1.00 2.30 -38.55
N GLN A 177 0.73 2.32 -39.85
CA GLN A 177 0.63 1.10 -40.67
C GLN A 177 1.91 0.28 -40.67
N ASP A 178 3.05 0.97 -40.66
CA ASP A 178 4.34 0.33 -40.66
C ASP A 178 4.55 -0.48 -39.39
N ILE A 179 4.14 0.09 -38.26
CA ILE A 179 4.15 -0.60 -36.97
C ILE A 179 3.13 -1.74 -36.99
N PHE A 180 1.97 -1.48 -37.58
CA PHE A 180 0.91 -2.49 -37.75
C PHE A 180 1.41 -3.71 -38.54
N GLN A 181 2.12 -3.46 -39.64
CA GLN A 181 2.62 -4.53 -40.50
C GLN A 181 3.77 -5.30 -39.88
N ILE A 182 4.64 -4.62 -39.14
CA ILE A 182 5.75 -5.25 -38.42
C ILE A 182 5.18 -6.23 -37.40
N ALA A 183 4.16 -5.80 -36.68
CA ALA A 183 3.45 -6.64 -35.71
C ALA A 183 2.86 -7.88 -36.38
N LYS A 184 2.30 -7.71 -37.56
CA LYS A 184 1.70 -8.80 -38.33
C LYS A 184 2.76 -9.76 -38.85
N ASP A 185 3.88 -9.22 -39.32
CA ASP A 185 4.96 -10.02 -39.86
C ASP A 185 5.70 -10.82 -38.79
N LEU A 186 5.92 -10.21 -37.63
CA LEU A 186 6.55 -10.88 -36.50
C LEU A 186 5.75 -12.09 -36.02
N ALA A 187 4.43 -11.93 -35.95
CA ALA A 187 3.52 -12.99 -35.51
C ALA A 187 3.61 -14.23 -36.41
N LYS A 188 3.84 -14.00 -37.70
CA LYS A 188 3.93 -15.07 -38.69
C LYS A 188 5.18 -15.94 -38.46
N ILE A 189 6.33 -15.29 -38.25
CA ILE A 189 7.59 -16.02 -38.15
C ILE A 189 7.94 -16.48 -36.74
N THR A 190 7.53 -15.73 -35.72
CA THR A 190 7.74 -16.15 -34.34
C THR A 190 6.70 -17.18 -33.93
N LYS A 191 5.58 -17.21 -34.66
CA LYS A 191 4.42 -18.06 -34.35
C LYS A 191 3.79 -17.68 -33.01
N CYS A 192 3.93 -16.40 -32.67
CA CYS A 192 3.34 -15.86 -31.46
C CYS A 192 2.27 -14.84 -31.84
N SER A 193 1.02 -15.18 -31.57
CA SER A 193 -0.13 -14.33 -31.91
C SER A 193 0.00 -12.94 -31.34
N ASN A 194 0.17 -12.87 -30.01
CA ASN A 194 0.14 -11.60 -29.30
C ASN A 194 1.49 -10.90 -29.24
N ILE A 195 1.53 -9.69 -29.79
CA ILE A 195 2.78 -8.93 -29.91
C ILE A 195 2.61 -7.48 -29.48
N LEU A 196 3.58 -7.00 -28.70
CA LEU A 196 3.58 -5.64 -28.22
C LEU A 196 4.82 -4.90 -28.73
N VAL A 197 4.64 -4.10 -29.77
CA VAL A 197 5.71 -3.26 -30.30
C VAL A 197 5.76 -1.95 -29.50
N LYS A 198 6.96 -1.57 -29.08
CA LYS A 198 7.14 -0.39 -28.25
C LYS A 198 8.21 0.53 -28.83
N GLY A 199 8.06 1.83 -28.57
CA GLY A 199 8.99 2.84 -29.06
C GLY A 199 8.28 4.03 -29.65
N GLY A 200 7.92 3.93 -30.93
CA GLY A 200 7.11 4.94 -31.60
C GLY A 200 7.85 6.19 -32.02
N HIS A 201 7.41 7.33 -31.49
CA HIS A 201 7.99 8.63 -31.85
C HIS A 201 9.07 9.05 -30.85
N GLU A 209 2.51 18.60 -28.57
CA GLU A 209 2.94 17.79 -27.43
C GLU A 209 3.39 16.38 -27.85
N LYS A 210 4.38 15.86 -27.16
CA LYS A 210 4.96 14.55 -27.45
C LYS A 210 4.19 13.41 -26.77
N TYR A 211 4.28 12.22 -27.34
CA TYR A 211 3.60 11.05 -26.79
C TYR A 211 4.38 9.76 -27.09
N ILE A 212 4.45 8.88 -26.08
CA ILE A 212 4.97 7.53 -26.27
C ILE A 212 3.88 6.67 -26.90
N THR A 213 4.28 5.72 -27.74
CA THR A 213 3.32 4.91 -28.49
C THR A 213 3.68 3.43 -28.46
N ASP A 214 2.87 2.64 -27.76
CA ASP A 214 3.01 1.19 -27.71
C ASP A 214 1.81 0.53 -28.37
N VAL A 215 2.07 -0.49 -29.18
CA VAL A 215 1.03 -1.12 -30.00
C VAL A 215 0.88 -2.61 -29.68
N LEU A 216 -0.28 -2.98 -29.14
CA LEU A 216 -0.59 -4.37 -28.87
C LEU A 216 -1.36 -4.98 -30.04
N PHE A 217 -0.77 -5.99 -30.65
CA PHE A 217 -1.42 -6.74 -31.72
C PHE A 217 -1.97 -8.06 -31.17
N LEU A 218 -3.29 -8.19 -31.17
CA LEU A 218 -3.94 -9.44 -30.79
C LEU A 218 -4.23 -10.27 -32.03
N GLY A 219 -3.37 -11.24 -32.29
CA GLY A 219 -3.38 -12.02 -33.52
C GLY A 219 -4.65 -12.82 -33.79
N ALA A 220 -5.12 -13.56 -32.78
CA ALA A 220 -6.30 -14.40 -32.90
C ALA A 220 -7.55 -13.58 -33.26
N GLU A 221 -7.65 -12.38 -32.69
CA GLU A 221 -8.79 -11.49 -32.91
C GLU A 221 -8.54 -10.46 -34.03
N GLN A 222 -7.39 -10.57 -34.71
CA GLN A 222 -6.98 -9.63 -35.77
C GLN A 222 -7.23 -8.17 -35.41
N LYS A 223 -6.77 -7.78 -34.22
CA LYS A 223 -7.15 -6.52 -33.59
C LYS A 223 -5.93 -5.82 -33.01
N PHE A 224 -5.94 -4.49 -33.06
CA PHE A 224 -4.85 -3.70 -32.49
C PHE A 224 -5.36 -2.83 -31.36
N ILE A 225 -4.57 -2.74 -30.29
CA ILE A 225 -4.80 -1.72 -29.26
C ILE A 225 -3.58 -0.80 -29.21
N ILE A 226 -3.84 0.48 -29.36
CA ILE A 226 -2.78 1.49 -29.40
C ILE A 226 -2.75 2.24 -28.09
N PHE A 227 -1.62 2.14 -27.39
CA PHE A 227 -1.46 2.76 -26.09
C PHE A 227 -0.66 4.04 -26.22
N LYS A 228 -1.36 5.17 -26.03
CA LYS A 228 -0.75 6.49 -26.11
C LYS A 228 -0.30 6.92 -24.72
N GLY A 229 0.99 7.18 -24.58
CA GLY A 229 1.58 7.51 -23.30
C GLY A 229 2.14 8.91 -23.22
N ASN A 230 2.47 9.33 -22.00
CA ASN A 230 2.98 10.67 -21.73
C ASN A 230 4.50 10.68 -21.75
N PHE A 231 5.08 11.41 -22.70
CA PHE A 231 6.53 11.42 -22.89
C PHE A 231 7.25 12.22 -21.80
N VAL A 232 8.07 11.51 -21.02
CA VAL A 232 8.87 12.12 -19.96
C VAL A 232 10.28 12.47 -20.48
N ASN A 233 10.68 13.72 -20.30
CA ASN A 233 12.04 14.14 -20.63
C ASN A 233 13.01 13.72 -19.53
N THR A 234 13.60 12.54 -19.67
CA THR A 234 14.55 11.99 -18.70
C THR A 234 15.47 10.94 -19.31
N THR A 235 16.63 10.74 -18.68
CA THR A 235 17.59 9.72 -19.09
C THR A 235 17.42 8.44 -18.27
N HIS A 236 16.70 8.56 -17.16
CA HIS A 236 16.48 7.45 -16.24
C HIS A 236 15.45 6.45 -16.77
N THR A 237 15.82 5.71 -17.81
CA THR A 237 14.96 4.69 -18.41
C THR A 237 15.64 3.32 -18.40
N HIS A 238 16.63 3.16 -17.53
CA HIS A 238 17.34 1.89 -17.40
C HIS A 238 16.42 0.80 -16.88
N GLY A 239 16.36 -0.31 -17.61
CA GLY A 239 15.61 -1.49 -17.21
C GLY A 239 14.11 -1.39 -17.34
N THR A 240 13.62 -0.56 -18.26
CA THR A 240 12.18 -0.41 -18.48
C THR A 240 11.53 -1.64 -19.11
N GLY A 241 12.28 -2.32 -19.98
CA GLY A 241 11.79 -3.50 -20.68
C GLY A 241 11.62 -4.71 -19.76
N CYS A 242 12.58 -4.87 -18.85
CA CYS A 242 12.54 -5.97 -17.89
C CYS A 242 11.36 -5.85 -16.93
N THR A 243 11.05 -4.63 -16.51
CA THR A 243 9.96 -4.41 -15.57
C THR A 243 8.60 -4.43 -16.27
N LEU A 244 8.56 -3.99 -17.52
CA LEU A 244 7.33 -4.06 -18.32
C LEU A 244 6.85 -5.50 -18.45
N ALA A 245 7.72 -6.35 -18.99
CA ALA A 245 7.41 -7.77 -19.19
C ALA A 245 7.07 -8.46 -17.88
N SER A 246 7.78 -8.09 -16.81
CA SER A 246 7.53 -8.64 -15.49
C SER A 246 6.21 -8.15 -14.90
N ALA A 247 5.86 -6.89 -15.20
CA ALA A 247 4.57 -6.33 -14.77
C ALA A 247 3.43 -7.02 -15.50
N ILE A 248 3.59 -7.21 -16.81
CA ILE A 248 2.61 -7.92 -17.63
C ILE A 248 2.43 -9.35 -17.13
N ALA A 249 3.55 -10.03 -16.86
CA ALA A 249 3.55 -11.38 -16.31
C ALA A 249 2.78 -11.47 -15.00
N SER A 250 3.04 -10.52 -14.10
CA SER A 250 2.41 -10.46 -12.78
C SER A 250 0.90 -10.31 -12.88
N ASN A 251 0.46 -9.49 -13.83
CA ASN A 251 -0.97 -9.25 -14.05
C ASN A 251 -1.65 -10.45 -14.69
N LEU A 252 -0.99 -11.05 -15.67
CA LEU A 252 -1.48 -12.29 -16.27
C LEU A 252 -1.60 -13.40 -15.22
N ALA A 253 -0.61 -13.47 -14.33
CA ALA A 253 -0.60 -14.47 -13.26
C ALA A 253 -1.80 -14.34 -12.34
N ARG A 254 -2.18 -13.10 -12.03
CA ARG A 254 -3.36 -12.82 -11.21
C ARG A 254 -4.66 -13.13 -11.95
N GLY A 255 -4.56 -13.35 -13.26
CA GLY A 255 -5.72 -13.78 -14.05
C GLY A 255 -6.40 -12.65 -14.81
N TYR A 256 -5.73 -11.51 -14.91
CA TYR A 256 -6.21 -10.40 -15.73
C TYR A 256 -6.09 -10.74 -17.20
N SER A 257 -6.93 -10.13 -18.02
CA SER A 257 -6.85 -10.29 -19.46
C SER A 257 -5.62 -9.59 -20.00
N LEU A 258 -5.13 -10.06 -21.14
CA LEU A 258 -3.92 -9.50 -21.77
C LEU A 258 -4.01 -7.97 -21.92
N PRO A 259 -5.13 -7.45 -22.47
CA PRO A 259 -5.24 -5.98 -22.61
C PRO A 259 -5.14 -5.26 -21.27
N GLN A 260 -5.77 -5.81 -20.24
CA GLN A 260 -5.71 -5.24 -18.89
C GLN A 260 -4.28 -5.32 -18.35
N SER A 261 -3.64 -6.46 -18.60
CA SER A 261 -2.27 -6.72 -18.14
C SER A 261 -1.25 -5.80 -18.81
N VAL A 262 -1.49 -5.51 -20.10
CA VAL A 262 -0.62 -4.63 -20.86
C VAL A 262 -0.81 -3.19 -20.40
N TYR A 263 -2.08 -2.77 -20.28
CA TYR A 263 -2.38 -1.44 -19.78
C TYR A 263 -1.67 -1.16 -18.45
N GLY A 264 -1.88 -2.04 -17.48
CA GLY A 264 -1.26 -1.92 -16.16
C GLY A 264 0.25 -2.00 -16.20
N GLY A 265 0.76 -2.86 -17.08
CA GLY A 265 2.21 -2.98 -17.27
C GLY A 265 2.82 -1.65 -17.67
N ILE A 266 2.32 -1.11 -18.78
CA ILE A 266 2.79 0.17 -19.32
C ILE A 266 2.65 1.30 -18.30
N GLU A 267 1.51 1.38 -17.63
CA GLU A 267 1.25 2.48 -16.70
C GLU A 267 2.18 2.44 -15.48
N TYR A 268 2.43 1.25 -14.96
CA TYR A 268 3.39 1.07 -13.86
C TYR A 268 4.77 1.58 -14.26
N VAL A 269 5.26 1.11 -15.41
CA VAL A 269 6.57 1.51 -15.92
C VAL A 269 6.67 3.03 -16.07
N GLN A 270 5.73 3.63 -16.78
CA GLN A 270 5.69 5.08 -16.97
C GLN A 270 5.61 5.83 -15.64
N ASN A 271 4.87 5.27 -14.69
CA ASN A 271 4.80 5.83 -13.34
C ASN A 271 6.16 5.78 -12.64
N ALA A 272 6.82 4.62 -12.72
CA ALA A 272 8.15 4.44 -12.14
C ALA A 272 9.16 5.41 -12.77
N VAL A 273 9.01 5.66 -14.07
CA VAL A 273 9.87 6.58 -14.80
C VAL A 273 9.58 8.04 -14.40
N ALA A 274 8.30 8.40 -14.34
CA ALA A 274 7.86 9.78 -14.07
C ALA A 274 8.22 10.28 -12.67
N ILE A 275 7.97 9.44 -11.66
CA ILE A 275 8.33 9.77 -10.27
C ILE A 275 9.84 9.72 -10.12
N GLY A 276 10.44 8.61 -10.54
CA GLY A 276 11.89 8.43 -10.53
C GLY A 276 12.53 8.34 -9.16
N CYS A 277 13.85 8.16 -9.15
CA CYS A 277 14.61 8.10 -7.90
C CYS A 277 16.05 8.57 -8.09
N ASP A 278 16.64 9.09 -7.02
CA ASP A 278 18.05 9.46 -7.00
C ASP A 278 18.82 8.44 -6.17
N VAL A 279 19.38 7.43 -6.85
CA VAL A 279 20.08 6.33 -6.20
C VAL A 279 21.52 6.14 -6.67
N THR A 280 21.92 6.89 -7.70
CA THR A 280 23.27 6.77 -8.26
C THR A 280 24.21 7.84 -7.70
N LYS A 281 25.51 7.64 -7.88
CA LYS A 281 26.51 8.64 -7.53
C LYS A 281 26.56 9.78 -8.54
N GLU A 282 27.14 10.92 -8.13
CA GLU A 282 27.29 12.09 -8.99
C GLU A 282 28.13 11.79 -10.24
N THR A 283 28.95 10.75 -10.17
CA THR A 283 29.75 10.26 -11.30
C THR A 283 28.89 9.46 -12.30
N VAL A 284 27.57 9.47 -12.10
CA VAL A 284 26.64 8.75 -12.96
C VAL A 284 25.45 9.62 -13.36
N LYS A 285 25.70 10.53 -14.31
CA LYS A 285 24.64 11.33 -14.93
C LYS A 285 24.34 10.78 -16.32
N ASP A 286 23.17 11.15 -16.85
CA ASP A 286 22.71 10.71 -18.18
C ASP A 286 22.33 9.22 -18.26
N ASN A 287 22.14 8.59 -17.11
CA ASN A 287 21.64 7.22 -17.01
C ASN A 287 21.24 6.90 -15.58
N GLY A 288 20.10 6.23 -15.41
CA GLY A 288 19.61 5.90 -14.07
C GLY A 288 18.48 4.89 -14.02
N PRO A 289 18.38 4.15 -12.90
CA PRO A 289 17.30 3.18 -12.68
C PRO A 289 15.98 3.89 -12.39
N ILE A 290 14.89 3.14 -12.48
CA ILE A 290 13.55 3.69 -12.25
C ILE A 290 13.06 3.41 -10.83
N ASN A 291 11.86 3.87 -10.52
CA ASN A 291 11.34 3.77 -9.16
C ASN A 291 10.26 2.69 -9.02
N HIS A 292 10.71 1.46 -8.82
CA HIS A 292 9.84 0.29 -8.72
C HIS A 292 8.97 0.33 -7.48
N VAL A 293 9.24 1.30 -6.61
CA VAL A 293 8.81 1.27 -5.23
C VAL A 293 7.87 2.44 -4.87
N TYR A 294 7.53 3.23 -5.88
CA TYR A 294 6.76 4.47 -5.70
C TYR A 294 5.46 4.35 -4.89
N ALA A 295 4.87 3.16 -4.86
CA ALA A 295 3.58 2.94 -4.19
C ALA A 295 3.68 2.09 -2.91
N VAL A 296 4.90 1.66 -2.57
CA VAL A 296 5.13 0.80 -1.41
C VAL A 296 5.14 1.64 -0.14
N GLU A 297 4.30 1.28 0.83
CA GLU A 297 4.27 1.97 2.10
C GLU A 297 5.42 1.51 3.00
N ILE A 298 5.97 2.44 3.78
CA ILE A 298 7.03 2.15 4.73
C ILE A 298 6.41 1.53 5.99
N PRO A 299 6.70 0.23 6.24
CA PRO A 299 6.06 -0.49 7.35
C PRO A 299 6.16 0.21 8.70
N LEU A 300 7.36 0.65 9.09
CA LEU A 300 7.57 1.27 10.41
C LEU A 300 6.65 2.43 10.70
N GLU A 301 6.37 3.23 9.67
CA GLU A 301 5.48 4.38 9.79
C GLU A 301 4.13 4.00 10.37
N LYS A 302 3.49 2.97 9.82
CA LYS A 302 2.21 2.49 10.33
C LYS A 302 2.36 1.65 11.60
N MET A 303 3.54 1.09 11.80
CA MET A 303 3.80 0.21 12.94
C MET A 303 3.94 0.96 14.26
N LEU A 304 4.75 2.02 14.25
CA LEU A 304 4.96 2.88 15.43
C LEU A 304 3.72 3.74 15.73
N SER A 305 2.95 4.03 14.69
CA SER A 305 1.75 4.85 14.80
C SER A 305 0.53 4.04 15.21
N ASP A 306 0.65 2.71 15.16
CA ASP A 306 -0.45 1.80 15.47
C ASP A 306 -0.94 2.00 16.91
N GLU A 307 -2.24 1.79 17.12
CA GLU A 307 -2.87 1.99 18.42
C GLU A 307 -2.39 1.01 19.48
N CYS A 308 -2.21 -0.25 19.10
CA CYS A 308 -1.76 -1.30 20.01
C CYS A 308 -0.24 -1.51 20.00
N PHE A 309 0.49 -0.45 19.65
CA PHE A 309 1.96 -0.48 19.59
C PHE A 309 2.60 -0.86 20.94
N THR A 310 1.98 -0.43 22.04
CA THR A 310 2.35 -0.87 23.40
C THR A 310 3.83 -0.66 23.77
N ALA A 311 4.44 0.38 23.22
CA ALA A 311 5.83 0.75 23.52
C ALA A 311 6.07 2.25 23.35
N SER A 312 7.26 2.70 23.71
CA SER A 312 7.64 4.11 23.58
C SER A 312 9.15 4.28 23.47
N ASP A 313 9.78 3.43 22.67
CA ASP A 313 11.23 3.49 22.46
C ASP A 313 11.55 3.96 21.04
N ILE A 327 7.58 28.80 12.51
CA ILE A 327 8.55 29.40 11.61
C ILE A 327 8.07 30.72 10.97
N PRO A 328 6.86 30.73 10.34
CA PRO A 328 6.39 31.96 9.69
C PRO A 328 6.04 33.05 10.69
N GLY A 329 6.04 34.30 10.22
CA GLY A 329 5.71 35.45 11.06
C GLY A 329 4.23 35.78 11.04
N GLY A 330 3.44 35.04 11.80
CA GLY A 330 2.00 35.27 11.90
C GLY A 330 1.16 34.13 11.35
N ASN A 331 0.14 34.47 10.56
CA ASN A 331 -0.79 33.49 10.02
C ASN A 331 -0.24 32.70 8.83
N PHE A 332 -0.65 31.44 8.73
CA PHE A 332 -0.16 30.51 7.71
C PHE A 332 -0.79 30.74 6.33
N TYR A 333 -2.00 31.33 6.33
CA TYR A 333 -2.70 31.65 5.09
C TYR A 333 -1.93 32.65 4.24
N GLU A 334 -1.59 33.79 4.83
CA GLU A 334 -0.86 34.87 4.15
C GLU A 334 0.46 34.38 3.57
N TYR A 335 1.17 33.57 4.34
CA TYR A 335 2.45 33.00 3.90
C TYR A 335 2.25 32.14 2.64
N LEU A 336 1.19 31.34 2.63
CA LEU A 336 0.91 30.43 1.53
C LEU A 336 0.62 31.16 0.23
N ILE A 337 -0.22 32.20 0.31
CA ILE A 337 -0.69 32.89 -0.89
C ILE A 337 0.36 33.85 -1.49
N ASN A 338 1.43 34.11 -0.74
CA ASN A 338 2.53 34.96 -1.21
C ASN A 338 3.79 34.17 -1.58
N HIS A 339 3.77 32.86 -1.32
CA HIS A 339 4.87 31.97 -1.66
C HIS A 339 5.08 31.92 -3.17
N PRO A 340 6.34 32.09 -3.63
CA PRO A 340 6.68 32.12 -5.06
C PRO A 340 6.09 30.97 -5.87
N LYS A 341 5.89 29.81 -5.25
CA LYS A 341 5.32 28.64 -5.90
C LYS A 341 3.79 28.72 -6.07
N VAL A 342 3.13 29.43 -5.17
CA VAL A 342 1.67 29.52 -5.15
C VAL A 342 1.14 30.73 -5.90
N LYS A 343 1.74 31.90 -5.64
CA LYS A 343 1.35 33.19 -6.25
C LYS A 343 0.80 33.11 -7.69
N PRO A 344 1.58 32.55 -8.65
CA PRO A 344 1.11 32.53 -10.04
C PRO A 344 -0.23 31.81 -10.23
N HIS A 345 -0.40 30.68 -9.55
CA HIS A 345 -1.62 29.89 -9.65
C HIS A 345 -2.75 30.48 -8.80
N TRP A 346 -2.38 31.15 -7.71
CA TRP A 346 -3.33 31.84 -6.85
C TRP A 346 -3.95 33.03 -7.61
N ASP A 347 -3.11 33.80 -8.29
CA ASP A 347 -3.54 34.94 -9.11
C ASP A 347 -4.46 34.49 -10.26
N SER A 348 -4.01 33.48 -11.00
CA SER A 348 -4.75 32.95 -12.15
C SER A 348 -6.13 32.39 -11.75
N TYR A 349 -6.24 32.05 -10.48
CA TYR A 349 -7.45 31.48 -9.90
C TYR A 349 -8.43 32.58 -9.51
N ILE A 350 -7.94 33.56 -8.76
CA ILE A 350 -8.79 34.62 -8.22
C ILE A 350 -9.16 35.68 -9.26
N ASN A 351 -8.21 36.05 -10.11
CA ASN A 351 -8.44 37.06 -11.12
C ASN A 351 -8.89 36.45 -12.44
N HIS A 352 -9.58 35.31 -12.34
CA HIS A 352 -10.02 34.55 -13.51
C HIS A 352 -11.10 35.30 -14.28
N GLU A 353 -11.03 35.20 -15.61
CA GLU A 353 -11.95 35.89 -16.52
C GLU A 353 -13.40 35.41 -16.34
N PHE A 354 -13.55 34.15 -15.95
CA PHE A 354 -14.87 33.56 -15.72
C PHE A 354 -15.67 34.34 -14.68
N VAL A 355 -15.01 34.70 -13.58
CA VAL A 355 -15.65 35.46 -12.50
C VAL A 355 -16.03 36.86 -12.99
N LYS A 356 -15.18 37.43 -13.82
CA LYS A 356 -15.45 38.75 -14.43
C LYS A 356 -16.64 38.72 -15.38
N LYS A 357 -16.82 37.60 -16.08
CA LYS A 357 -17.92 37.47 -17.05
C LYS A 357 -19.27 37.08 -16.43
N VAL A 358 -19.25 36.54 -15.21
CA VAL A 358 -20.48 36.28 -14.47
C VAL A 358 -20.99 37.60 -13.89
N ALA A 359 -20.07 38.39 -13.34
CA ALA A 359 -20.39 39.70 -12.77
C ALA A 359 -20.80 40.71 -13.84
N ASP A 360 -20.18 40.63 -15.02
CA ASP A 360 -20.50 41.52 -16.14
C ASP A 360 -21.78 41.13 -16.87
N GLY A 361 -22.23 39.89 -16.65
CA GLY A 361 -23.38 39.34 -17.38
C GLY A 361 -23.06 39.01 -18.82
N THR A 362 -21.77 38.94 -19.13
CA THR A 362 -21.29 38.69 -20.49
C THR A 362 -21.13 37.21 -20.79
N LEU A 363 -21.15 36.38 -19.75
CA LEU A 363 -21.03 34.94 -19.89
C LEU A 363 -22.32 34.34 -20.45
N GLU A 364 -22.19 33.44 -21.41
CA GLU A 364 -23.33 32.72 -21.97
C GLU A 364 -24.01 31.85 -20.92
N ARG A 365 -25.34 31.76 -21.01
CA ARG A 365 -26.16 30.97 -20.08
C ARG A 365 -25.76 29.50 -20.03
N LYS A 366 -25.57 28.89 -21.20
CA LYS A 366 -25.24 27.47 -21.30
C LYS A 366 -23.91 27.11 -20.63
N LYS A 367 -22.97 28.04 -20.65
CA LYS A 367 -21.67 27.87 -20.01
C LYS A 367 -21.80 27.93 -18.48
N PHE A 368 -22.61 28.85 -17.99
CA PHE A 368 -22.86 28.97 -16.55
C PHE A 368 -23.60 27.74 -16.02
N GLN A 369 -24.47 27.18 -16.85
CA GLN A 369 -25.18 25.95 -16.53
C GLN A 369 -24.19 24.80 -16.37
N PHE A 370 -23.27 24.69 -17.33
CA PHE A 370 -22.22 23.67 -17.30
C PHE A 370 -21.45 23.72 -15.98
N PHE A 371 -21.09 24.92 -15.56
CA PHE A 371 -20.34 25.13 -14.33
C PHE A 371 -21.13 24.63 -13.11
N ILE A 372 -22.40 25.01 -13.03
CA ILE A 372 -23.25 24.63 -11.90
C ILE A 372 -23.45 23.13 -11.81
N GLU A 373 -23.58 22.49 -12.97
CA GLU A 373 -23.72 21.04 -13.06
C GLU A 373 -22.43 20.33 -12.65
N GLN A 374 -21.30 20.81 -13.19
CA GLN A 374 -20.00 20.27 -12.83
C GLN A 374 -19.67 20.55 -11.36
N ASP A 375 -20.12 21.71 -10.86
CA ASP A 375 -19.89 22.09 -9.47
C ASP A 375 -20.67 21.18 -8.54
N TYR A 376 -21.94 20.94 -8.88
CA TYR A 376 -22.78 20.03 -8.11
C TYR A 376 -22.07 18.70 -7.91
N ALA A 377 -21.61 18.11 -9.00
CA ALA A 377 -20.87 16.83 -8.97
C ALA A 377 -19.57 16.95 -8.18
N TYR A 378 -18.86 18.06 -8.37
CA TYR A 378 -17.65 18.33 -7.59
C TYR A 378 -17.94 18.36 -6.10
N LEU A 379 -19.05 19.01 -5.72
CA LEU A 379 -19.43 19.16 -4.31
C LEU A 379 -19.76 17.81 -3.64
N VAL A 380 -20.25 16.85 -4.43
CA VAL A 380 -20.49 15.50 -3.93
C VAL A 380 -19.19 14.89 -3.40
N ASP A 381 -18.15 14.89 -4.22
CA ASP A 381 -16.82 14.40 -3.84
C ASP A 381 -16.20 15.23 -2.72
N TYR A 382 -16.52 16.52 -2.70
CA TYR A 382 -15.98 17.47 -1.73
C TYR A 382 -16.59 17.25 -0.35
N ALA A 383 -17.90 17.00 -0.32
CA ALA A 383 -18.60 16.66 0.91
C ALA A 383 -18.06 15.36 1.48
N ARG A 384 -17.89 14.36 0.61
CA ARG A 384 -17.37 13.05 1.01
C ARG A 384 -15.98 13.17 1.64
N VAL A 385 -15.12 13.96 1.01
CA VAL A 385 -13.73 14.06 1.43
C VAL A 385 -13.54 14.93 2.68
N HIS A 386 -14.54 15.74 3.02
CA HIS A 386 -14.51 16.49 4.27
C HIS A 386 -14.89 15.60 5.44
N CYS A 387 -15.61 14.51 5.16
CA CYS A 387 -15.91 13.52 6.18
C CYS A 387 -14.64 12.78 6.58
N ILE A 388 -13.83 12.42 5.58
CA ILE A 388 -12.56 11.78 5.85
C ILE A 388 -11.62 12.74 6.58
N ALA A 389 -11.66 14.01 6.20
CA ALA A 389 -10.91 15.07 6.89
C ALA A 389 -11.23 15.05 8.40
N GLY A 390 -12.52 14.93 8.72
CA GLY A 390 -12.97 14.88 10.10
C GLY A 390 -12.57 13.60 10.82
N SER A 391 -12.46 12.51 10.08
CA SER A 391 -12.05 11.23 10.64
C SER A 391 -10.58 11.23 11.06
N LYS A 392 -9.79 12.09 10.43
CA LYS A 392 -8.36 12.19 10.70
C LYS A 392 -8.01 13.31 11.70
N ALA A 393 -9.00 14.14 12.03
CA ALA A 393 -8.83 15.27 12.95
C ALA A 393 -8.40 14.84 14.36
N PRO A 394 -7.51 15.61 15.01
CA PRO A 394 -6.92 15.22 16.30
C PRO A 394 -7.92 15.11 17.46
N CYS A 395 -8.85 16.04 17.55
CA CYS A 395 -9.83 16.07 18.65
C CYS A 395 -11.26 16.11 18.13
N LEU A 396 -12.21 15.75 19.00
CA LEU A 396 -13.63 15.77 18.67
C LEU A 396 -14.09 17.17 18.24
N GLU A 397 -13.60 18.19 18.94
CA GLU A 397 -13.89 19.59 18.62
C GLU A 397 -13.57 19.90 17.15
N ASP A 398 -12.46 19.35 16.68
CA ASP A 398 -11.99 19.57 15.31
C ASP A 398 -12.81 18.78 14.29
N MET A 399 -13.36 17.66 14.72
CA MET A 399 -14.20 16.81 13.90
C MET A 399 -15.54 17.49 13.59
N GLU A 400 -16.16 18.07 14.63
CA GLU A 400 -17.47 18.70 14.52
C GLU A 400 -17.47 19.92 13.59
N LYS A 401 -16.31 20.56 13.45
CA LYS A 401 -16.13 21.68 12.53
C LYS A 401 -16.24 21.25 11.06
N GLU A 402 -15.84 20.02 10.78
CA GLU A 402 -15.93 19.46 9.44
C GLU A 402 -17.39 19.16 9.05
N LEU A 403 -18.22 18.86 10.05
CA LEU A 403 -19.65 18.66 9.83
C LEU A 403 -20.32 19.96 9.41
N VAL A 404 -19.86 21.07 10.00
CA VAL A 404 -20.36 22.40 9.65
C VAL A 404 -20.06 22.70 8.18
N ILE A 405 -18.86 22.33 7.74
CA ILE A 405 -18.44 22.50 6.35
C ILE A 405 -19.33 21.66 5.42
N VAL A 406 -19.51 20.39 5.76
CA VAL A 406 -20.37 19.49 4.97
C VAL A 406 -21.79 20.06 4.85
N GLY A 407 -22.33 20.55 5.97
CA GLY A 407 -23.63 21.22 5.98
C GLY A 407 -23.67 22.39 5.01
N GLY A 408 -22.60 23.19 5.00
CA GLY A 408 -22.46 24.32 4.08
C GLY A 408 -22.34 23.89 2.62
N VAL A 409 -21.67 22.78 2.38
CA VAL A 409 -21.54 22.20 1.04
C VAL A 409 -22.90 21.75 0.51
N ARG A 410 -23.65 21.05 1.35
CA ARG A 410 -24.98 20.54 0.98
C ARG A 410 -25.99 21.66 0.76
N THR A 411 -25.83 22.76 1.49
CA THR A 411 -26.66 23.95 1.31
C THR A 411 -26.46 24.50 -0.10
N GLU A 412 -25.20 24.56 -0.53
CA GLU A 412 -24.85 25.07 -1.86
C GLU A 412 -25.35 24.13 -2.97
N MET A 413 -25.33 22.83 -2.70
CA MET A 413 -25.87 21.82 -3.61
C MET A 413 -27.36 22.07 -3.85
N GLY A 414 -28.10 22.34 -2.77
CA GLY A 414 -29.51 22.69 -2.85
C GLY A 414 -29.77 23.96 -3.63
N GLN A 415 -28.83 24.91 -3.54
CA GLN A 415 -28.91 26.13 -4.34
C GLN A 415 -28.66 25.87 -5.82
N HIS A 416 -27.71 24.99 -6.13
CA HIS A 416 -27.50 24.53 -7.51
C HIS A 416 -28.70 23.76 -8.01
N GLU A 417 -29.33 23.01 -7.10
CA GLU A 417 -30.52 22.23 -7.36
C GLU A 417 -31.69 23.13 -7.77
N LYS A 418 -31.85 24.25 -7.05
CA LYS A 418 -32.89 25.23 -7.34
C LYS A 418 -32.59 26.03 -8.62
N ARG A 419 -31.32 26.35 -8.84
CA ARG A 419 -30.88 27.13 -10.00
C ARG A 419 -31.27 26.46 -11.32
N LEU A 420 -31.01 25.16 -11.41
CA LEU A 420 -31.28 24.38 -12.62
C LEU A 420 -32.77 24.14 -12.87
N LYS A 421 -33.56 24.10 -11.80
CA LYS A 421 -35.01 23.92 -11.91
C LYS A 421 -35.71 25.22 -12.27
N GLU A 422 -35.28 26.33 -11.66
CA GLU A 422 -35.86 27.64 -11.90
C GLU A 422 -35.36 28.32 -13.17
N VAL A 423 -34.04 28.40 -13.31
CA VAL A 423 -33.43 29.18 -14.41
C VAL A 423 -33.22 28.38 -15.70
N PHE A 424 -32.97 27.08 -15.58
CA PHE A 424 -32.63 26.25 -16.73
C PHE A 424 -33.67 25.16 -17.05
N GLY A 425 -34.70 25.08 -16.22
CA GLY A 425 -35.86 24.22 -16.48
C GLY A 425 -35.60 22.72 -16.47
N VAL A 426 -34.84 22.25 -15.48
CA VAL A 426 -34.64 20.82 -15.28
C VAL A 426 -35.84 20.22 -14.55
N LYS A 427 -36.42 19.17 -15.13
CA LYS A 427 -37.59 18.53 -14.56
C LYS A 427 -37.38 17.03 -14.25
N ASP A 428 -36.31 16.46 -14.81
CA ASP A 428 -35.97 15.05 -14.58
C ASP A 428 -35.52 14.84 -13.14
N PRO A 429 -36.14 13.87 -12.44
CA PRO A 429 -35.86 13.62 -11.02
C PRO A 429 -34.43 13.17 -10.76
N ASP A 430 -33.88 12.35 -11.67
CA ASP A 430 -32.53 11.80 -11.53
C ASP A 430 -31.54 12.38 -12.54
N TYR A 431 -31.72 13.67 -12.85
CA TYR A 431 -30.81 14.42 -13.73
C TYR A 431 -29.46 14.64 -13.08
N PHE A 432 -29.46 14.79 -11.75
CA PHE A 432 -28.26 15.09 -10.98
C PHE A 432 -27.39 13.85 -10.75
N GLN A 433 -28.00 12.67 -10.89
CA GLN A 433 -27.28 11.41 -10.75
C GLN A 433 -26.66 10.98 -12.09
N LYS A 434 -27.12 11.58 -13.17
CA LYS A 434 -26.71 11.20 -14.53
C LYS A 434 -25.80 12.22 -15.22
N ILE A 435 -25.23 13.15 -14.44
CA ILE A 435 -24.33 14.17 -14.98
C ILE A 435 -22.98 13.57 -15.35
N LYS A 436 -22.58 13.78 -16.61
CA LYS A 436 -21.27 13.36 -17.10
C LYS A 436 -20.19 14.30 -16.58
N ARG A 437 -19.10 13.73 -16.08
CA ARG A 437 -18.02 14.50 -15.45
C ARG A 437 -16.92 14.85 -16.45
N GLY A 438 -16.42 16.08 -16.37
CA GLY A 438 -15.41 16.57 -17.30
C GLY A 438 -13.99 16.38 -16.80
N PRO A 439 -13.00 16.55 -17.70
CA PRO A 439 -11.58 16.36 -17.40
C PRO A 439 -11.12 17.17 -16.20
N ALA A 440 -11.47 18.46 -16.18
CA ALA A 440 -11.08 19.36 -15.11
C ALA A 440 -11.58 18.90 -13.74
N LEU A 441 -12.82 18.39 -13.73
CA LEU A 441 -13.45 17.90 -12.52
C LEU A 441 -12.77 16.62 -12.05
N ARG A 442 -12.63 15.67 -12.98
CA ARG A 442 -12.01 14.38 -12.72
C ARG A 442 -10.64 14.52 -12.06
N ALA A 443 -9.78 15.35 -12.65
CA ALA A 443 -8.45 15.63 -12.13
C ALA A 443 -8.50 16.17 -10.70
N TYR A 444 -9.41 17.11 -10.46
CA TYR A 444 -9.57 17.75 -9.16
C TYR A 444 -9.97 16.72 -8.10
N SER A 445 -11.01 15.95 -8.40
CA SER A 445 -11.50 14.91 -7.50
C SER A 445 -10.46 13.82 -7.29
N ARG A 446 -9.65 13.56 -8.32
CA ARG A 446 -8.58 12.57 -8.23
C ARG A 446 -7.52 13.02 -7.24
N TYR A 447 -7.19 14.32 -7.28
CA TYR A 447 -6.15 14.87 -6.43
C TYR A 447 -6.45 14.69 -4.95
N PHE A 448 -7.55 15.26 -4.46
CA PHE A 448 -7.86 15.18 -3.03
C PHE A 448 -8.36 13.80 -2.56
N ASN A 449 -8.83 12.97 -3.50
CA ASN A 449 -9.13 11.58 -3.18
C ASN A 449 -7.84 10.83 -2.87
N ASP A 450 -6.81 11.10 -3.67
CA ASP A 450 -5.50 10.48 -3.52
C ASP A 450 -4.82 10.94 -2.24
N VAL A 451 -4.99 12.22 -1.91
CA VAL A 451 -4.44 12.79 -0.68
C VAL A 451 -5.12 12.20 0.57
N SER A 452 -6.42 11.92 0.47
CA SER A 452 -7.18 11.34 1.59
C SER A 452 -6.91 9.85 1.80
N ARG A 453 -6.48 9.16 0.74
CA ARG A 453 -6.17 7.73 0.84
C ARG A 453 -4.72 7.46 1.27
N ARG A 454 -3.82 8.38 0.91
CA ARG A 454 -2.38 8.17 1.09
C ARG A 454 -1.71 9.15 2.06
N GLY A 455 -2.24 10.37 2.13
CA GLY A 455 -1.67 11.40 2.99
C GLY A 455 -2.23 11.38 4.39
N ASN A 456 -1.78 12.34 5.21
CA ASN A 456 -2.29 12.52 6.56
C ASN A 456 -3.31 13.65 6.65
N TRP A 457 -3.78 13.93 7.86
CA TRP A 457 -4.84 14.93 8.08
C TRP A 457 -4.51 16.32 7.55
N GLN A 458 -3.33 16.82 7.92
CA GLN A 458 -2.92 18.19 7.59
C GLN A 458 -2.70 18.39 6.09
N GLU A 459 -2.27 17.33 5.42
CA GLU A 459 -2.12 17.35 3.96
C GLU A 459 -3.47 17.37 3.27
N LEU A 460 -4.45 16.68 3.86
CA LEU A 460 -5.79 16.62 3.31
C LEU A 460 -6.45 17.99 3.34
N VAL A 461 -6.29 18.68 4.47
CA VAL A 461 -6.91 19.99 4.67
C VAL A 461 -6.23 21.07 3.81
N ALA A 462 -4.90 20.99 3.70
CA ALA A 462 -4.15 21.87 2.81
C ALA A 462 -4.71 21.79 1.40
N SER A 463 -5.17 20.59 1.04
CA SER A 463 -5.74 20.31 -0.27
C SER A 463 -7.13 20.91 -0.45
N LEU A 464 -7.89 21.01 0.63
CA LEU A 464 -9.29 21.44 0.56
C LEU A 464 -9.49 22.93 0.82
N THR A 465 -8.44 23.60 1.27
CA THR A 465 -8.50 25.03 1.61
C THR A 465 -8.68 25.97 0.41
N PRO A 466 -7.90 25.77 -0.69
CA PRO A 466 -7.97 26.69 -1.84
C PRO A 466 -9.39 26.95 -2.35
N CYS A 467 -10.21 25.90 -2.40
CA CYS A 467 -11.60 25.99 -2.85
C CYS A 467 -12.41 27.00 -2.03
N LEU A 468 -12.28 26.92 -0.71
CA LEU A 468 -13.00 27.79 0.21
C LEU A 468 -12.51 29.23 0.09
N MET A 469 -11.19 29.42 0.11
CA MET A 469 -10.58 30.75 0.19
C MET A 469 -10.71 31.53 -1.12
N GLY A 470 -10.24 30.92 -2.21
CA GLY A 470 -10.23 31.56 -3.51
C GLY A 470 -11.58 32.02 -4.03
N TYR A 471 -12.64 31.29 -3.67
CA TYR A 471 -14.00 31.65 -4.09
C TYR A 471 -14.48 32.95 -3.44
N GLY A 472 -14.16 33.11 -2.16
CA GLY A 472 -14.50 34.33 -1.42
C GLY A 472 -13.70 35.53 -1.90
N GLU A 473 -12.39 35.33 -2.07
CA GLU A 473 -11.49 36.40 -2.48
C GLU A 473 -11.74 36.86 -3.91
N ALA A 474 -12.11 35.93 -4.79
CA ALA A 474 -12.40 36.24 -6.19
C ALA A 474 -13.66 37.06 -6.34
N LEU A 475 -14.59 36.90 -5.39
CA LEU A 475 -15.88 37.57 -5.46
C LEU A 475 -16.00 38.77 -4.54
N THR A 476 -15.11 38.85 -3.55
CA THR A 476 -14.90 40.07 -2.77
C THR A 476 -14.29 41.13 -3.69
N LYS A 477 -13.47 40.67 -4.62
CA LYS A 477 -12.89 41.52 -5.66
C LYS A 477 -13.92 42.01 -6.67
N MET A 478 -15.15 41.50 -6.57
CA MET A 478 -16.20 41.90 -7.51
C MET A 478 -17.30 42.78 -6.89
N LYS A 479 -17.25 43.01 -5.59
CA LYS A 479 -18.18 43.95 -4.94
C LYS A 479 -17.57 45.34 -4.77
N GLY A 480 -18.27 46.38 -5.22
CA GLY A 480 -19.54 46.24 -5.91
C GLY A 480 -19.41 46.65 -7.37
N LYS A 481 -18.76 45.78 -8.15
CA LYS A 481 -18.60 46.00 -9.59
C LYS A 481 -19.49 45.01 -10.37
N VAL A 482 -20.43 44.40 -9.65
CA VAL A 482 -21.37 43.45 -10.26
C VAL A 482 -22.41 44.21 -11.08
N THR A 483 -22.27 44.12 -12.40
CA THR A 483 -23.21 44.77 -13.31
C THR A 483 -24.21 43.77 -13.92
N ALA A 484 -24.38 42.65 -13.22
CA ALA A 484 -25.42 41.68 -13.55
C ALA A 484 -26.73 42.11 -12.92
N PRO A 485 -27.84 42.05 -13.68
CA PRO A 485 -29.16 42.48 -13.19
C PRO A 485 -29.46 42.01 -11.78
N GLU A 486 -30.02 42.91 -10.96
CA GLU A 486 -30.37 42.63 -9.58
C GLU A 486 -31.48 41.58 -9.54
N GLY A 487 -31.21 40.46 -8.87
CA GLY A 487 -32.16 39.36 -8.76
C GLY A 487 -31.90 38.19 -9.71
N SER A 488 -31.01 38.40 -10.68
CA SER A 488 -30.65 37.36 -11.64
C SER A 488 -29.73 36.30 -11.04
N VAL A 489 -29.58 35.18 -11.74
CA VAL A 489 -28.76 34.05 -11.29
C VAL A 489 -27.31 34.49 -11.04
N TYR A 490 -26.74 35.12 -12.05
CA TYR A 490 -25.36 35.59 -12.03
C TYR A 490 -25.06 36.47 -10.82
N HIS A 491 -25.99 37.38 -10.51
CA HIS A 491 -25.83 38.34 -9.41
C HIS A 491 -25.99 37.69 -8.05
N GLU A 492 -26.98 36.80 -7.94
CA GLU A 492 -27.22 36.02 -6.73
C GLU A 492 -26.02 35.13 -6.39
N TRP A 493 -25.39 34.59 -7.43
CA TRP A 493 -24.19 33.78 -7.29
C TRP A 493 -23.01 34.62 -6.79
N CYS A 494 -22.89 35.83 -7.31
CA CYS A 494 -21.79 36.75 -6.96
C CYS A 494 -21.87 37.26 -5.52
N GLU A 495 -23.09 37.37 -5.00
CA GLU A 495 -23.32 37.90 -3.65
C GLU A 495 -23.01 36.87 -2.56
N THR A 496 -23.38 35.61 -2.82
CA THR A 496 -23.19 34.52 -1.86
C THR A 496 -21.75 34.33 -1.37
N TYR A 497 -20.78 34.52 -2.26
CA TYR A 497 -19.37 34.35 -1.91
C TYR A 497 -18.71 35.64 -1.45
N ALA A 498 -19.40 36.76 -1.65
CA ALA A 498 -18.97 38.05 -1.10
C ALA A 498 -19.65 38.32 0.24
N SER A 499 -20.56 37.43 0.62
CA SER A 499 -21.37 37.57 1.84
C SER A 499 -20.55 37.42 3.12
N SER A 500 -21.12 37.90 4.23
CA SER A 500 -20.45 37.86 5.53
C SER A 500 -20.44 36.47 6.16
N TRP A 501 -21.48 35.68 5.90
CA TRP A 501 -21.55 34.31 6.42
C TRP A 501 -20.50 33.42 5.77
N TYR A 502 -20.20 33.69 4.50
CA TYR A 502 -19.11 33.01 3.81
C TYR A 502 -17.77 33.50 4.32
N ARG A 503 -17.72 34.75 4.76
CA ARG A 503 -16.52 35.33 5.36
C ARG A 503 -16.21 34.66 6.70
N GLU A 504 -17.25 34.27 7.42
CA GLU A 504 -17.10 33.52 8.67
C GLU A 504 -16.53 32.13 8.42
N ALA A 505 -16.91 31.53 7.28
CA ALA A 505 -16.36 30.25 6.85
C ALA A 505 -14.90 30.39 6.43
N MET A 506 -14.57 31.55 5.84
CA MET A 506 -13.19 31.87 5.48
C MET A 506 -12.33 32.10 6.71
N ASP A 507 -12.90 32.80 7.70
CA ASP A 507 -12.22 33.00 8.99
C ASP A 507 -11.94 31.67 9.69
N GLU A 508 -12.90 30.74 9.60
CA GLU A 508 -12.71 29.37 10.08
C GLU A 508 -11.59 28.67 9.32
N GLY A 509 -11.48 28.96 8.02
CA GLY A 509 -10.42 28.42 7.18
C GLY A 509 -9.04 28.93 7.56
N GLU A 510 -8.96 30.22 7.89
CA GLU A 510 -7.71 30.84 8.34
C GLU A 510 -7.22 30.22 9.65
N LYS A 511 -8.15 30.03 10.59
CA LYS A 511 -7.81 29.48 11.91
C LYS A 511 -7.38 28.02 11.81
N LEU A 512 -8.05 27.24 10.98
CA LEU A 512 -7.71 25.83 10.78
C LEU A 512 -6.34 25.69 10.13
N LEU A 513 -6.03 26.60 9.21
CA LEU A 513 -4.76 26.61 8.51
C LEU A 513 -3.58 26.80 9.46
N ASN A 514 -3.80 27.58 10.53
CA ASN A 514 -2.82 27.72 11.60
C ASN A 514 -2.72 26.49 12.48
N HIS A 515 -3.87 26.01 12.95
CA HIS A 515 -3.97 24.83 13.83
C HIS A 515 -3.26 23.61 13.23
N ILE A 516 -3.17 23.61 11.91
CA ILE A 516 -2.50 22.53 11.18
C ILE A 516 -0.98 22.69 11.15
N LEU A 517 -0.51 23.93 10.99
CA LEU A 517 0.93 24.21 10.94
C LEU A 517 1.62 23.90 12.26
N GLU A 518 0.87 23.96 13.36
CA GLU A 518 1.39 23.70 14.70
C GLU A 518 1.67 22.22 14.96
N THR A 519 0.93 21.35 14.27
CA THR A 519 1.06 19.90 14.46
C THR A 519 1.91 19.21 13.39
N TYR A 520 2.15 19.93 12.29
CA TYR A 520 2.90 19.40 11.15
C TYR A 520 4.40 19.55 11.35
N PRO A 521 5.19 18.54 10.94
CA PRO A 521 6.66 18.64 11.01
C PRO A 521 7.19 19.83 10.19
N PRO A 522 7.89 20.77 10.86
CA PRO A 522 8.41 21.99 10.24
C PRO A 522 9.20 21.76 8.95
N GLU A 523 9.99 20.68 8.89
CA GLU A 523 10.80 20.38 7.71
C GLU A 523 9.97 19.95 6.50
N GLN A 524 8.80 19.38 6.77
CA GLN A 524 7.91 18.85 5.74
C GLN A 524 7.05 19.94 5.08
N LEU A 525 7.18 21.17 5.56
CA LEU A 525 6.34 22.30 5.14
C LEU A 525 6.15 22.53 3.64
N ASP A 526 7.19 22.30 2.85
CA ASP A 526 7.12 22.48 1.39
C ASP A 526 6.03 21.62 0.77
N THR A 527 5.85 20.41 1.32
CA THR A 527 4.79 19.48 0.89
C THR A 527 3.42 20.13 0.97
N LEU A 528 3.14 20.83 2.08
CA LEU A 528 1.89 21.57 2.24
C LEU A 528 1.76 22.70 1.23
N VAL A 529 2.86 23.40 0.99
CA VAL A 529 2.89 24.48 0.01
C VAL A 529 2.58 23.94 -1.38
N THR A 530 3.33 22.91 -1.79
CA THR A 530 3.18 22.30 -3.10
C THR A 530 1.75 21.82 -3.35
N ILE A 531 1.15 21.16 -2.36
CA ILE A 531 -0.24 20.72 -2.45
C ILE A 531 -1.17 21.90 -2.76
N TYR A 532 -1.08 22.94 -1.93
CA TYR A 532 -1.87 24.16 -2.12
C TYR A 532 -1.66 24.74 -3.53
N ALA A 533 -0.41 24.75 -3.97
CA ALA A 533 -0.04 25.29 -5.28
C ALA A 533 -0.70 24.53 -6.44
N GLU A 534 -0.73 23.21 -6.33
CA GLU A 534 -1.27 22.36 -7.39
C GLU A 534 -2.79 22.39 -7.44
N VAL A 535 -3.43 22.52 -6.27
CA VAL A 535 -4.89 22.61 -6.18
C VAL A 535 -5.38 23.95 -6.77
N CYS A 536 -4.60 25.00 -6.57
CA CYS A 536 -4.86 26.29 -7.21
C CYS A 536 -4.85 26.15 -8.73
N GLU A 537 -3.88 25.42 -9.26
CA GLU A 537 -3.80 25.14 -10.70
C GLU A 537 -5.04 24.37 -11.17
N LEU A 538 -5.50 23.44 -10.34
CA LEU A 538 -6.69 22.65 -10.66
C LEU A 538 -7.97 23.49 -10.70
N GLU A 539 -8.03 24.51 -9.85
CA GLU A 539 -9.21 25.37 -9.80
C GLU A 539 -9.32 26.33 -10.98
N THR A 540 -8.20 26.88 -11.45
CA THR A 540 -8.23 27.73 -12.65
C THR A 540 -8.64 26.89 -13.85
N ASN A 541 -8.07 25.68 -13.95
CA ASN A 541 -8.48 24.71 -14.96
C ASN A 541 -9.98 24.40 -14.90
N PHE A 542 -10.53 24.36 -13.69
CA PHE A 542 -11.96 24.12 -13.50
C PHE A 542 -12.80 25.26 -14.07
N TRP A 543 -12.37 26.50 -13.83
CA TRP A 543 -13.08 27.66 -14.36
C TRP A 543 -12.81 27.89 -15.84
N THR A 544 -11.63 27.46 -16.30
CA THR A 544 -11.28 27.52 -17.72
C THR A 544 -12.22 26.62 -18.52
N ALA A 545 -12.43 25.40 -18.00
CA ALA A 545 -13.32 24.42 -18.63
C ALA A 545 -14.73 24.96 -18.84
N ALA A 546 -15.27 25.63 -17.82
CA ALA A 546 -16.58 26.25 -17.88
C ALA A 546 -16.59 27.42 -18.87
N LEU A 547 -15.53 28.22 -18.83
CA LEU A 547 -15.35 29.36 -19.73
C LEU A 547 -15.32 28.95 -21.19
N GLU A 548 -14.68 27.82 -21.46
CA GLU A 548 -14.44 27.36 -22.83
C GLU A 548 -15.42 26.29 -23.29
N TYR A 549 -16.49 26.07 -22.52
CA TYR A 549 -17.44 24.99 -22.80
C TYR A 549 -18.32 25.26 -24.03
N GLU A 550 -18.42 24.23 -24.88
CA GLU A 550 -19.12 24.28 -26.17
C GLU A 550 -18.62 25.42 -27.08
N THR B 1 -10.37 -3.65 -36.97
CA THR B 1 -9.50 -2.44 -37.07
C THR B 1 -8.63 -2.27 -35.82
N TYR B 2 -8.78 -1.14 -35.13
CA TYR B 2 -7.97 -0.84 -33.95
C TYR B 2 -8.70 0.02 -32.90
N SER B 3 -8.06 0.15 -31.74
CA SER B 3 -8.54 1.01 -30.66
C SER B 3 -7.38 1.82 -30.09
N THR B 4 -7.69 3.00 -29.56
CA THR B 4 -6.68 3.82 -28.90
C THR B 4 -7.02 4.02 -27.42
N VAL B 5 -6.06 3.68 -26.56
CA VAL B 5 -6.19 3.79 -25.11
C VAL B 5 -5.18 4.80 -24.60
N SER B 6 -5.61 5.66 -23.68
CA SER B 6 -4.72 6.68 -23.12
C SER B 6 -4.16 6.25 -21.77
N ILE B 7 -2.84 6.27 -21.65
CA ILE B 7 -2.17 5.91 -20.40
C ILE B 7 -2.23 7.09 -19.44
N ASN B 8 -2.69 6.81 -18.23
CA ASN B 8 -2.89 7.82 -17.21
C ASN B 8 -1.57 8.29 -16.59
N THR B 9 -1.59 9.53 -16.09
CA THR B 9 -0.49 10.07 -15.30
C THR B 9 -0.46 9.39 -13.92
N PRO B 10 0.68 9.46 -13.21
CA PRO B 10 0.77 8.86 -11.88
C PRO B 10 -0.14 9.52 -10.83
N PRO B 11 -0.51 8.75 -9.78
CA PRO B 11 -1.26 9.29 -8.63
C PRO B 11 -0.62 10.56 -8.07
N PRO B 12 -1.40 11.65 -7.98
CA PRO B 12 -0.91 12.98 -7.66
C PRO B 12 -0.13 13.08 -6.35
N TYR B 13 -0.55 12.36 -5.32
CA TYR B 13 0.16 12.38 -4.03
C TYR B 13 1.54 11.76 -4.16
N LEU B 14 1.64 10.72 -5.00
CA LEU B 14 2.90 10.04 -5.23
C LEU B 14 3.88 10.86 -6.07
N THR B 15 3.37 11.85 -6.78
CA THR B 15 4.19 12.75 -7.59
C THR B 15 4.88 13.85 -6.76
N LEU B 16 4.57 13.90 -5.46
CA LEU B 16 5.18 14.88 -4.57
C LEU B 16 6.63 14.54 -4.21
N ALA B 17 6.94 13.23 -4.23
CA ALA B 17 8.29 12.75 -3.89
C ALA B 17 9.07 12.31 -5.12
N CYS B 18 9.05 13.13 -6.17
CA CYS B 18 9.79 12.86 -7.40
C CYS B 18 11.30 12.88 -7.14
N ASN B 19 12.01 12.05 -7.90
CA ASN B 19 13.46 11.85 -7.75
C ASN B 19 13.81 11.55 -6.30
N GLU B 20 13.12 10.54 -5.74
CA GLU B 20 13.22 10.19 -4.34
C GLU B 20 14.60 9.63 -4.00
N LYS B 21 15.23 10.20 -2.98
CA LYS B 21 16.51 9.69 -2.51
C LYS B 21 16.26 8.44 -1.67
N LEU B 22 15.97 7.34 -2.37
CA LEU B 22 15.67 6.07 -1.75
C LEU B 22 16.87 5.51 -0.98
N PRO B 23 16.61 4.97 0.22
CA PRO B 23 17.64 4.21 0.95
C PRO B 23 18.05 2.99 0.14
N THR B 24 19.34 2.69 0.12
CA THR B 24 19.88 1.61 -0.71
C THR B 24 20.51 0.50 0.14
N VAL B 25 20.14 -0.74 -0.13
CA VAL B 25 20.69 -1.88 0.59
C VAL B 25 21.30 -2.88 -0.40
N LEU B 26 22.58 -3.18 -0.23
CA LEU B 26 23.26 -4.21 -1.02
C LEU B 26 23.26 -5.53 -0.27
N SER B 27 22.70 -6.56 -0.90
CA SER B 27 22.72 -7.89 -0.32
C SER B 27 23.83 -8.71 -0.95
N ILE B 28 24.70 -9.25 -0.10
CA ILE B 28 25.75 -10.16 -0.53
C ILE B 28 25.39 -11.54 0.00
N ALA B 29 24.76 -12.36 -0.84
CA ALA B 29 24.17 -13.62 -0.40
C ALA B 29 24.11 -14.69 -1.49
N GLY B 30 23.70 -15.89 -1.11
CA GLY B 30 23.45 -16.98 -2.06
C GLY B 30 22.00 -16.96 -2.51
N THR B 31 21.72 -17.66 -3.61
CA THR B 31 20.39 -17.65 -4.19
C THR B 31 19.47 -18.74 -3.64
N ASP B 32 18.19 -18.41 -3.60
CA ASP B 32 17.13 -19.39 -3.42
C ASP B 32 16.12 -19.17 -4.53
N PRO B 33 16.29 -19.87 -5.67
CA PRO B 33 15.42 -19.75 -6.84
C PRO B 33 13.94 -19.80 -6.48
N SER B 34 13.59 -20.67 -5.53
CA SER B 34 12.22 -20.81 -5.05
C SER B 34 11.65 -19.53 -4.45
N GLY B 35 12.53 -18.56 -4.17
CA GLY B 35 12.13 -17.22 -3.72
C GLY B 35 11.78 -17.10 -2.24
N GLY B 36 12.13 -18.11 -1.46
CA GLY B 36 11.77 -18.14 -0.03
C GLY B 36 12.82 -17.51 0.86
N ALA B 37 14.07 -17.95 0.69
CA ALA B 37 15.21 -17.41 1.43
C ALA B 37 16.18 -16.72 0.47
N GLY B 38 17.42 -16.53 0.91
CA GLY B 38 18.49 -16.05 0.06
C GLY B 38 18.32 -14.65 -0.52
N ILE B 39 19.12 -14.37 -1.55
CA ILE B 39 19.17 -13.05 -2.17
C ILE B 39 17.83 -12.55 -2.73
N GLU B 40 16.96 -13.46 -3.15
CA GLU B 40 15.64 -13.05 -3.65
C GLU B 40 14.67 -12.66 -2.54
N ALA B 41 14.75 -13.33 -1.40
CA ALA B 41 14.03 -12.90 -0.20
C ALA B 41 14.54 -11.55 0.28
N ASP B 42 15.85 -11.33 0.16
CA ASP B 42 16.46 -10.05 0.49
C ASP B 42 15.88 -8.92 -0.36
N VAL B 43 15.86 -9.11 -1.68
CA VAL B 43 15.30 -8.12 -2.62
C VAL B 43 13.81 -7.88 -2.40
N LYS B 44 13.05 -8.95 -2.15
CA LYS B 44 11.63 -8.83 -1.82
C LYS B 44 11.38 -7.95 -0.61
N THR B 45 12.10 -8.22 0.49
CA THR B 45 11.93 -7.46 1.73
C THR B 45 12.37 -6.03 1.56
N ILE B 46 13.52 -5.83 0.93
CA ILE B 46 14.04 -4.49 0.66
C ILE B 46 13.03 -3.67 -0.15
N THR B 47 12.44 -4.30 -1.18
CA THR B 47 11.36 -3.69 -1.97
C THR B 47 10.12 -3.40 -1.11
N ALA B 48 9.78 -4.35 -0.23
CA ALA B 48 8.60 -4.21 0.64
C ALA B 48 8.76 -3.09 1.66
N HIS B 49 9.99 -2.64 1.85
CA HIS B 49 10.31 -1.56 2.79
C HIS B 49 10.49 -0.21 2.11
N ARG B 50 10.18 -0.16 0.81
CA ARG B 50 10.34 1.05 0.01
C ARG B 50 11.82 1.47 -0.06
N CYS B 51 12.70 0.47 -0.15
CA CYS B 51 14.13 0.70 -0.34
C CYS B 51 14.61 0.11 -1.66
N TYR B 52 15.76 0.60 -2.11
CA TYR B 52 16.37 0.18 -3.37
C TYR B 52 17.35 -0.96 -3.11
N ALA B 53 17.24 -2.05 -3.88
CA ALA B 53 18.05 -3.24 -3.64
C ALA B 53 19.17 -3.40 -4.67
N MET B 54 20.31 -3.90 -4.19
CA MET B 54 21.40 -4.31 -5.06
C MET B 54 21.87 -5.69 -4.65
N THR B 55 22.47 -6.44 -5.58
CA THR B 55 22.84 -7.83 -5.31
C THR B 55 24.32 -8.11 -5.50
N CYS B 56 24.81 -9.12 -4.77
CA CYS B 56 26.11 -9.71 -5.01
C CYS B 56 26.02 -11.19 -4.70
N ILE B 57 25.75 -11.98 -5.73
CA ILE B 57 25.52 -13.43 -5.58
C ILE B 57 26.83 -14.17 -5.27
N THR B 58 26.86 -14.81 -4.10
CA THR B 58 28.04 -15.52 -3.64
C THR B 58 28.06 -16.97 -4.12
N ALA B 59 26.86 -17.54 -4.27
CA ALA B 59 26.71 -18.90 -4.76
C ALA B 59 25.40 -19.07 -5.52
N LEU B 60 25.46 -19.77 -6.65
CA LEU B 60 24.29 -19.99 -7.49
C LEU B 60 23.69 -21.35 -7.18
N ASN B 61 22.67 -21.37 -6.33
CA ASN B 61 22.13 -22.61 -5.78
C ASN B 61 20.84 -23.08 -6.44
N ALA B 62 20.61 -24.39 -6.38
CA ALA B 62 19.30 -24.97 -6.67
C ALA B 62 18.64 -25.30 -5.33
N GLN B 63 17.68 -24.48 -4.93
CA GLN B 63 17.08 -24.61 -3.61
C GLN B 63 15.55 -24.55 -3.63
N THR B 64 14.95 -25.31 -2.72
CA THR B 64 13.51 -25.40 -2.55
C THR B 64 13.23 -25.63 -1.06
N PRO B 65 12.07 -25.16 -0.55
CA PRO B 65 11.62 -25.48 0.81
C PRO B 65 11.80 -26.96 1.19
N VAL B 66 11.69 -27.85 0.20
CA VAL B 66 11.89 -29.29 0.41
C VAL B 66 13.34 -29.59 0.79
N LYS B 67 14.27 -29.27 -0.12
CA LYS B 67 15.69 -29.53 0.10
C LYS B 67 16.59 -28.58 -0.68
N VAL B 68 17.88 -28.61 -0.38
CA VAL B 68 18.88 -27.94 -1.17
C VAL B 68 19.33 -28.94 -2.24
N TYR B 69 18.99 -28.67 -3.49
CA TYR B 69 19.27 -29.59 -4.59
C TYR B 69 20.75 -29.58 -5.01
N SER B 70 21.34 -28.40 -5.08
CA SER B 70 22.78 -28.25 -5.36
C SER B 70 23.30 -26.87 -4.99
N ILE B 71 24.61 -26.78 -4.78
CA ILE B 71 25.28 -25.52 -4.43
C ILE B 71 26.46 -25.29 -5.37
N ASN B 72 26.51 -24.12 -6.00
CA ASN B 72 27.61 -23.76 -6.90
C ASN B 72 28.18 -22.38 -6.58
N ASN B 73 29.28 -22.37 -5.83
CA ASN B 73 29.98 -21.15 -5.47
C ASN B 73 30.42 -20.35 -6.69
N THR B 74 30.07 -19.07 -6.70
CA THR B 74 30.45 -18.17 -7.78
C THR B 74 31.94 -17.86 -7.67
N PRO B 75 32.67 -17.90 -8.81
CA PRO B 75 34.11 -17.67 -8.81
C PRO B 75 34.49 -16.30 -8.24
N LYS B 76 35.59 -16.27 -7.50
CA LYS B 76 36.11 -15.04 -6.87
C LYS B 76 36.09 -13.84 -7.81
N GLU B 77 36.68 -14.03 -9.00
CA GLU B 77 36.80 -12.98 -10.01
C GLU B 77 35.47 -12.30 -10.29
N VAL B 78 34.40 -13.09 -10.37
CA VAL B 78 33.05 -12.59 -10.64
C VAL B 78 32.52 -11.79 -9.45
N VAL B 79 32.67 -12.34 -8.25
CA VAL B 79 32.26 -11.68 -7.01
C VAL B 79 32.96 -10.33 -6.85
N PHE B 80 34.27 -10.31 -7.13
CA PHE B 80 35.08 -9.10 -7.02
C PHE B 80 34.56 -7.96 -7.88
N GLN B 81 34.36 -8.23 -9.18
CA GLN B 81 33.88 -7.22 -10.13
C GLN B 81 32.48 -6.72 -9.79
N THR B 82 31.61 -7.65 -9.40
CA THR B 82 30.24 -7.32 -9.05
C THR B 82 30.18 -6.28 -7.94
N LEU B 83 30.89 -6.54 -6.85
CA LEU B 83 30.95 -5.64 -5.71
C LEU B 83 31.65 -4.31 -6.07
N GLU B 84 32.74 -4.41 -6.83
CA GLU B 84 33.56 -3.25 -7.20
C GLU B 84 32.77 -2.21 -7.98
N SER B 85 32.09 -2.65 -9.03
CA SER B 85 31.35 -1.78 -9.92
C SER B 85 30.12 -1.17 -9.26
N ASN B 86 29.39 -2.00 -8.50
CA ASN B 86 28.23 -1.52 -7.73
C ASN B 86 28.60 -0.36 -6.80
N LEU B 87 29.71 -0.48 -6.09
CA LEU B 87 30.14 0.54 -5.15
C LEU B 87 30.77 1.75 -5.81
N LYS B 88 31.28 1.57 -7.03
CA LYS B 88 31.92 2.65 -7.78
C LYS B 88 30.89 3.64 -8.32
N ASP B 89 29.67 3.17 -8.57
CA ASP B 89 28.65 3.96 -9.25
C ASP B 89 27.36 4.17 -8.45
N MET B 90 27.09 3.30 -7.49
CA MET B 90 25.85 3.34 -6.72
C MET B 90 26.04 3.85 -5.29
N LYS B 91 25.03 4.56 -4.80
CA LYS B 91 24.97 4.91 -3.37
C LYS B 91 24.74 3.62 -2.57
N CYS B 92 25.28 3.56 -1.36
CA CYS B 92 25.12 2.38 -0.52
C CYS B 92 25.12 2.74 0.95
N ASN B 93 23.92 2.73 1.54
CA ASN B 93 23.75 3.03 2.95
C ASN B 93 24.09 1.84 3.84
N VAL B 94 23.62 0.65 3.44
CA VAL B 94 23.84 -0.57 4.21
C VAL B 94 24.21 -1.74 3.29
N ILE B 95 25.14 -2.56 3.75
CA ILE B 95 25.43 -3.86 3.17
C ILE B 95 24.93 -4.92 4.13
N LYS B 96 24.10 -5.84 3.64
CA LYS B 96 23.66 -6.97 4.45
C LYS B 96 24.21 -8.26 3.86
N THR B 97 24.63 -9.18 4.72
CA THR B 97 25.23 -10.43 4.27
C THR B 97 24.40 -11.66 4.64
N GLY B 98 24.36 -12.62 3.73
CA GLY B 98 23.74 -13.91 3.99
C GLY B 98 24.76 -15.02 3.85
N MET B 99 24.61 -15.84 2.81
CA MET B 99 25.54 -16.92 2.51
C MET B 99 26.85 -16.34 2.00
N LEU B 100 27.94 -16.68 2.69
CA LEU B 100 29.26 -16.15 2.37
C LEU B 100 30.29 -17.26 2.19
N THR B 101 30.99 -17.23 1.05
CA THR B 101 32.05 -18.19 0.75
C THR B 101 33.40 -17.58 1.09
N ALA B 102 34.43 -18.43 1.11
CA ALA B 102 35.80 -18.00 1.38
C ALA B 102 36.25 -16.89 0.41
N ALA B 103 35.90 -17.05 -0.85
CA ALA B 103 36.23 -16.05 -1.88
C ALA B 103 35.45 -14.76 -1.65
N ALA B 104 34.17 -14.89 -1.28
CA ALA B 104 33.31 -13.74 -1.00
C ALA B 104 33.78 -12.97 0.22
N ILE B 105 34.24 -13.70 1.23
CA ILE B 105 34.79 -13.10 2.44
C ILE B 105 36.11 -12.37 2.12
N GLU B 106 36.92 -13.00 1.27
CA GLU B 106 38.18 -12.41 0.83
C GLU B 106 37.97 -11.10 0.05
N VAL B 107 36.92 -11.06 -0.77
CA VAL B 107 36.58 -9.87 -1.54
C VAL B 107 36.00 -8.76 -0.66
N LEU B 108 35.02 -9.12 0.18
CA LEU B 108 34.33 -8.15 1.04
C LEU B 108 35.27 -7.51 2.06
N HIS B 109 36.10 -8.33 2.71
CA HIS B 109 37.10 -7.84 3.66
C HIS B 109 38.02 -6.79 3.02
N GLU B 110 38.49 -7.09 1.82
CA GLU B 110 39.35 -6.18 1.04
C GLU B 110 38.68 -4.83 0.77
N LYS B 111 37.38 -4.86 0.49
CA LYS B 111 36.63 -3.65 0.21
C LYS B 111 36.33 -2.85 1.48
N LEU B 112 36.09 -3.57 2.58
CA LEU B 112 35.83 -2.94 3.88
C LEU B 112 37.06 -2.24 4.44
N LEU B 113 38.24 -2.73 4.06
CA LEU B 113 39.50 -2.09 4.42
C LEU B 113 39.75 -0.85 3.56
N GLN B 114 39.52 -0.99 2.26
CA GLN B 114 39.70 0.10 1.30
C GLN B 114 38.78 1.28 1.62
N LEU B 115 37.56 0.98 2.06
CA LEU B 115 36.56 2.00 2.35
C LEU B 115 36.84 2.75 3.65
N GLY B 116 37.39 2.03 4.63
CA GLY B 116 37.76 2.61 5.92
C GLY B 116 36.58 3.20 6.68
N GLU B 117 36.60 4.52 6.86
CA GLU B 117 35.57 5.23 7.61
C GLU B 117 34.38 5.60 6.72
N ASN B 118 34.59 5.53 5.40
CA ASN B 118 33.55 5.80 4.42
C ASN B 118 32.65 4.59 4.13
N ARG B 119 32.94 3.47 4.79
CA ARG B 119 32.18 2.23 4.60
C ARG B 119 30.73 2.34 5.08
N PRO B 120 29.79 1.69 4.37
CA PRO B 120 28.39 1.68 4.78
C PRO B 120 28.17 0.82 6.02
N LYS B 121 26.99 0.91 6.62
CA LYS B 121 26.63 0.06 7.76
C LYS B 121 26.56 -1.40 7.33
N LEU B 122 26.83 -2.31 8.26
CA LEU B 122 26.93 -3.72 7.94
C LEU B 122 26.06 -4.59 8.85
N VAL B 123 25.09 -5.25 8.22
CA VAL B 123 24.22 -6.21 8.90
C VAL B 123 24.68 -7.62 8.51
N VAL B 124 25.20 -8.36 9.48
CA VAL B 124 25.68 -9.71 9.20
C VAL B 124 24.73 -10.77 9.75
N ASP B 125 24.15 -11.54 8.84
CA ASP B 125 23.35 -12.70 9.22
C ASP B 125 24.15 -13.97 8.95
N PRO B 126 24.42 -14.76 10.01
CA PRO B 126 25.14 -16.01 9.85
C PRO B 126 24.31 -17.06 9.11
N VAL B 127 24.92 -17.69 8.12
CA VAL B 127 24.32 -18.80 7.39
C VAL B 127 25.34 -19.94 7.35
N LEU B 128 25.17 -20.90 8.26
CA LEU B 128 26.15 -21.97 8.46
C LEU B 128 25.53 -23.37 8.36
N VAL B 129 26.21 -24.34 8.97
CA VAL B 129 25.74 -25.74 9.07
C VAL B 129 25.30 -26.37 7.75
N ALA B 130 26.23 -26.43 6.80
CA ALA B 130 26.01 -27.01 5.46
C ALA B 130 24.82 -26.40 4.71
N LYS B 139 34.22 -25.15 9.12
CA LYS B 139 35.11 -24.98 10.26
C LYS B 139 35.87 -23.65 10.19
N ASP B 140 36.63 -23.47 9.11
CA ASP B 140 37.36 -22.22 8.88
C ASP B 140 36.40 -21.09 8.48
N ILE B 141 35.23 -21.46 7.99
CA ILE B 141 34.21 -20.50 7.59
C ILE B 141 33.64 -19.72 8.78
N VAL B 142 33.58 -20.37 9.95
CA VAL B 142 33.15 -19.72 11.19
C VAL B 142 34.23 -18.75 11.64
N SER B 143 35.49 -19.17 11.48
CA SER B 143 36.65 -18.35 11.82
C SER B 143 36.77 -17.12 10.92
N LEU B 144 36.53 -17.30 9.63
CA LEU B 144 36.64 -16.23 8.65
C LEU B 144 35.61 -15.12 8.88
N ILE B 145 34.38 -15.50 9.23
CA ILE B 145 33.35 -14.52 9.56
C ILE B 145 33.75 -13.74 10.81
N THR B 146 34.20 -14.46 11.84
CA THR B 146 34.59 -13.87 13.11
C THR B 146 35.80 -12.93 12.97
N GLU B 147 36.80 -13.37 12.19
CA GLU B 147 38.04 -12.62 12.03
C GLU B 147 37.95 -11.51 10.99
N LYS B 148 37.24 -11.77 9.89
CA LYS B 148 37.34 -10.90 8.72
C LYS B 148 36.10 -10.03 8.44
N VAL B 149 34.92 -10.48 8.88
CA VAL B 149 33.67 -9.77 8.55
C VAL B 149 32.98 -9.15 9.77
N ALA B 150 32.84 -9.92 10.85
CA ALA B 150 32.10 -9.49 12.04
C ALA B 150 32.66 -8.26 12.76
N PRO B 151 33.99 -8.03 12.72
CA PRO B 151 34.54 -6.80 13.32
C PRO B 151 34.03 -5.49 12.70
N PHE B 152 33.56 -5.55 11.45
CA PHE B 152 33.06 -4.37 10.74
C PHE B 152 31.55 -4.20 10.92
N ALA B 153 30.90 -5.20 11.51
CA ALA B 153 29.44 -5.25 11.58
C ALA B 153 28.82 -4.29 12.58
N ASP B 154 27.68 -3.71 12.19
CA ASP B 154 26.88 -2.88 13.08
C ASP B 154 25.95 -3.74 13.92
N ILE B 155 25.65 -4.94 13.44
CA ILE B 155 24.86 -5.93 14.19
C ILE B 155 25.01 -7.34 13.61
N LEU B 156 24.99 -8.34 14.49
CA LEU B 156 24.95 -9.75 14.10
C LEU B 156 23.63 -10.35 14.54
N THR B 157 23.05 -11.19 13.70
CA THR B 157 21.75 -11.80 14.01
C THR B 157 21.78 -13.33 13.93
N PRO B 158 22.48 -13.99 14.87
CA PRO B 158 22.45 -15.46 14.88
C PRO B 158 21.32 -16.04 15.73
N ASN B 159 20.94 -17.27 15.44
CA ASN B 159 20.11 -18.05 16.36
C ASN B 159 21.00 -18.82 17.33
N ILE B 160 20.38 -19.52 18.28
CA ILE B 160 21.12 -20.24 19.34
C ILE B 160 22.07 -21.32 18.78
N PRO B 161 21.60 -22.17 17.84
CA PRO B 161 22.54 -23.08 17.18
C PRO B 161 23.72 -22.34 16.53
N GLU B 162 23.44 -21.24 15.84
CA GLU B 162 24.47 -20.41 15.21
C GLU B 162 25.39 -19.77 16.25
N CYS B 163 24.87 -19.55 17.46
CA CYS B 163 25.68 -19.03 18.58
C CYS B 163 26.66 -20.08 19.07
N TYR B 164 26.16 -21.30 19.26
CA TYR B 164 26.97 -22.43 19.72
C TYR B 164 28.15 -22.69 18.78
N LYS B 165 27.93 -22.52 17.49
CA LYS B 165 28.96 -22.72 16.48
C LYS B 165 29.97 -21.57 16.48
N LEU B 166 29.48 -20.36 16.69
CA LEU B 166 30.34 -19.16 16.70
C LEU B 166 31.33 -19.13 17.86
N LEU B 167 30.92 -19.63 19.02
CA LEU B 167 31.80 -19.66 20.20
C LEU B 167 32.34 -21.06 20.54
N GLY B 168 32.03 -22.03 19.69
CA GLY B 168 32.53 -23.40 19.82
C GLY B 168 32.23 -24.10 21.14
N GLU B 169 30.99 -23.96 21.61
CA GLU B 169 30.55 -24.59 22.86
C GLU B 169 29.02 -24.58 22.98
N GLU B 170 28.48 -25.64 23.55
CA GLU B 170 27.06 -25.74 23.88
C GLU B 170 26.82 -25.08 25.24
N ARG B 171 25.70 -24.39 25.38
CA ARG B 171 25.34 -23.73 26.65
C ARG B 171 24.08 -24.34 27.26
N LYS B 172 23.03 -23.53 27.46
CA LYS B 172 21.79 -23.97 28.09
C LYS B 172 20.60 -23.07 27.73
N VAL B 173 19.40 -23.54 28.06
CA VAL B 173 18.17 -22.78 27.82
C VAL B 173 17.33 -22.65 29.10
N ASN B 174 17.99 -22.36 30.22
CA ASN B 174 17.35 -22.28 31.53
C ASN B 174 16.49 -21.02 31.73
N GLY B 175 17.02 -19.89 31.28
CA GLY B 175 16.31 -18.62 31.42
C GLY B 175 16.82 -17.53 30.49
N LEU B 176 16.52 -16.28 30.82
CA LEU B 176 16.98 -15.14 30.04
C LEU B 176 18.47 -14.88 30.26
N GLN B 177 18.91 -15.05 31.51
CA GLN B 177 20.31 -14.84 31.89
C GLN B 177 21.27 -15.72 31.09
N ASP B 178 20.77 -16.88 30.64
CA ASP B 178 21.53 -17.76 29.75
C ASP B 178 21.90 -17.07 28.44
N ILE B 179 20.90 -16.52 27.75
CA ILE B 179 21.10 -15.80 26.49
C ILE B 179 21.93 -14.52 26.71
N PHE B 180 21.66 -13.83 27.82
CA PHE B 180 22.41 -12.65 28.23
C PHE B 180 23.92 -12.86 28.17
N GLN B 181 24.38 -13.95 28.79
CA GLN B 181 25.80 -14.29 28.81
C GLN B 181 26.33 -14.63 27.41
N ILE B 182 25.59 -15.46 26.68
CA ILE B 182 25.95 -15.86 25.32
C ILE B 182 26.14 -14.63 24.41
N ALA B 183 25.20 -13.69 24.50
CA ALA B 183 25.26 -12.45 23.75
C ALA B 183 26.53 -11.64 24.05
N LYS B 184 26.84 -11.50 25.35
CA LYS B 184 28.01 -10.74 25.80
C LYS B 184 29.31 -11.42 25.39
N ASP B 185 29.33 -12.75 25.44
CA ASP B 185 30.48 -13.53 24.98
C ASP B 185 30.71 -13.38 23.48
N LEU B 186 29.61 -13.26 22.73
CA LEU B 186 29.65 -13.07 21.29
C LEU B 186 30.23 -11.72 20.89
N ALA B 187 29.90 -10.69 21.65
CA ALA B 187 30.39 -9.34 21.39
C ALA B 187 31.91 -9.23 21.58
N LYS B 188 32.44 -10.06 22.48
CA LYS B 188 33.86 -10.03 22.81
C LYS B 188 34.69 -10.78 21.76
N ILE B 189 34.17 -11.88 21.24
CA ILE B 189 34.90 -12.69 20.26
C ILE B 189 34.81 -12.15 18.83
N THR B 190 33.71 -11.50 18.49
CA THR B 190 33.48 -11.03 17.12
C THR B 190 33.89 -9.58 16.89
N LYS B 191 34.13 -8.85 17.98
CA LYS B 191 34.43 -7.41 17.94
C LYS B 191 33.28 -6.61 17.34
N CYS B 192 32.07 -7.11 17.55
CA CYS B 192 30.85 -6.43 17.14
C CYS B 192 30.03 -6.11 18.38
N SER B 193 29.76 -4.83 18.58
CA SER B 193 29.11 -4.34 19.80
C SER B 193 27.65 -4.76 19.95
N ASN B 194 26.90 -4.77 18.84
CA ASN B 194 25.46 -5.05 18.88
C ASN B 194 25.11 -6.42 18.31
N ILE B 195 24.35 -7.21 19.07
CA ILE B 195 24.01 -8.58 18.70
C ILE B 195 22.57 -8.96 19.04
N LEU B 196 21.89 -9.55 18.04
CA LEU B 196 20.50 -9.98 18.20
C LEU B 196 20.42 -11.51 18.15
N VAL B 197 20.03 -12.11 19.28
CA VAL B 197 19.91 -13.56 19.37
C VAL B 197 18.44 -14.00 19.24
N LYS B 198 18.21 -14.99 18.39
CA LYS B 198 16.86 -15.48 18.10
C LYS B 198 16.57 -16.82 18.78
N GLY B 199 15.41 -16.93 19.43
CA GLY B 199 15.01 -18.17 20.10
C GLY B 199 13.53 -18.25 20.44
N GLY B 200 12.83 -19.14 19.75
CA GLY B 200 11.38 -19.32 19.97
C GLY B 200 11.04 -20.33 21.05
N HIS B 201 11.39 -19.99 22.29
CA HIS B 201 11.20 -20.89 23.43
C HIS B 201 10.83 -20.11 24.69
N ILE B 212 7.85 -16.91 21.70
CA ILE B 212 9.05 -16.54 20.94
C ILE B 212 9.78 -15.36 21.59
N THR B 213 11.10 -15.48 21.70
CA THR B 213 11.90 -14.49 22.42
C THR B 213 13.14 -14.04 21.62
N ASP B 214 13.30 -12.74 21.47
CA ASP B 214 14.46 -12.17 20.79
C ASP B 214 15.20 -11.19 21.70
N VAL B 215 16.53 -11.35 21.79
CA VAL B 215 17.35 -10.56 22.70
C VAL B 215 18.34 -9.68 21.93
N LEU B 216 18.20 -8.37 22.08
CA LEU B 216 19.13 -7.41 21.51
C LEU B 216 20.05 -6.88 22.59
N PHE B 217 21.35 -7.06 22.38
CA PHE B 217 22.37 -6.53 23.27
C PHE B 217 23.04 -5.32 22.63
N LEU B 218 23.16 -4.24 23.39
CA LEU B 218 23.81 -3.02 22.92
C LEU B 218 25.11 -2.75 23.69
N GLY B 219 26.22 -3.18 23.10
CA GLY B 219 27.53 -3.19 23.76
C GLY B 219 28.00 -1.92 24.43
N ALA B 220 28.07 -0.84 23.66
CA ALA B 220 28.55 0.45 24.15
C ALA B 220 27.80 0.95 25.40
N GLU B 221 26.47 0.82 25.36
CA GLU B 221 25.62 1.26 26.46
C GLU B 221 25.31 0.15 27.47
N GLN B 222 25.84 -1.05 27.20
CA GLN B 222 25.67 -2.25 28.03
C GLN B 222 24.20 -2.55 28.37
N LYS B 223 23.34 -2.39 27.36
CA LYS B 223 21.88 -2.52 27.52
C LYS B 223 21.32 -3.79 26.87
N PHE B 224 20.20 -4.26 27.40
CA PHE B 224 19.48 -5.39 26.82
C PHE B 224 18.04 -5.01 26.50
N ILE B 225 17.58 -5.36 25.31
CA ILE B 225 16.18 -5.20 24.93
C ILE B 225 15.61 -6.56 24.55
N ILE B 226 14.60 -7.00 25.31
CA ILE B 226 13.97 -8.30 25.07
C ILE B 226 12.68 -8.12 24.28
N PHE B 227 12.56 -8.88 23.20
CA PHE B 227 11.43 -8.78 22.29
C PHE B 227 10.52 -10.01 22.42
N LYS B 228 9.32 -9.79 22.94
CA LYS B 228 8.33 -10.86 23.09
C LYS B 228 7.38 -10.90 21.89
N GLY B 229 7.47 -11.98 21.12
CA GLY B 229 6.67 -12.15 19.91
C GLY B 229 5.45 -13.02 20.10
N ASN B 230 5.06 -13.73 19.04
CA ASN B 230 3.85 -14.55 19.04
C ASN B 230 4.12 -15.96 18.55
N PHE B 231 3.69 -16.95 19.33
CA PHE B 231 3.88 -18.36 18.98
C PHE B 231 2.90 -18.79 17.89
N VAL B 232 3.34 -18.70 16.64
CA VAL B 232 2.53 -19.12 15.49
C VAL B 232 2.90 -20.55 15.10
N ASN B 233 1.92 -21.45 15.20
CA ASN B 233 2.12 -22.85 14.86
C ASN B 233 2.00 -23.09 13.35
N THR B 234 3.11 -22.89 12.65
CA THR B 234 3.17 -23.10 11.19
C THR B 234 4.49 -23.70 10.74
N THR B 235 4.45 -24.48 9.66
CA THR B 235 5.65 -25.04 9.04
C THR B 235 6.35 -24.00 8.18
N HIS B 236 5.59 -23.00 7.73
CA HIS B 236 6.02 -22.00 6.77
C HIS B 236 6.93 -20.91 7.37
N THR B 237 8.11 -21.30 7.82
CA THR B 237 9.07 -20.35 8.39
C THR B 237 10.38 -20.29 7.59
N HIS B 238 10.31 -20.73 6.34
CA HIS B 238 11.46 -20.71 5.44
C HIS B 238 11.81 -19.28 5.04
N GLY B 239 13.05 -18.90 5.29
CA GLY B 239 13.56 -17.59 4.87
C GLY B 239 13.47 -16.49 5.90
N THR B 240 12.94 -16.79 7.08
CA THR B 240 12.76 -15.81 8.15
C THR B 240 14.06 -15.09 8.52
N GLY B 241 15.15 -15.86 8.61
CA GLY B 241 16.47 -15.33 8.96
C GLY B 241 16.99 -14.32 7.95
N CYS B 242 16.89 -14.66 6.67
CA CYS B 242 17.34 -13.78 5.60
C CYS B 242 16.53 -12.49 5.59
N THR B 243 15.24 -12.62 5.85
CA THR B 243 14.30 -11.51 5.74
C THR B 243 14.36 -10.56 6.92
N LEU B 244 14.67 -11.08 8.11
CA LEU B 244 14.84 -10.25 9.29
C LEU B 244 16.04 -9.32 9.14
N ALA B 245 17.15 -9.89 8.68
CA ALA B 245 18.39 -9.16 8.45
C ALA B 245 18.19 -8.09 7.39
N SER B 246 17.39 -8.40 6.38
CA SER B 246 17.12 -7.45 5.30
C SER B 246 16.16 -6.34 5.70
N ALA B 247 15.26 -6.64 6.63
CA ALA B 247 14.33 -5.65 7.16
C ALA B 247 15.07 -4.68 8.08
N ILE B 248 15.92 -5.22 8.95
CA ILE B 248 16.78 -4.42 9.82
C ILE B 248 17.66 -3.49 8.97
N ALA B 249 18.30 -4.06 7.96
CA ALA B 249 19.15 -3.31 7.04
C ALA B 249 18.38 -2.20 6.32
N SER B 250 17.14 -2.51 5.94
CA SER B 250 16.30 -1.55 5.22
C SER B 250 15.99 -0.35 6.10
N ASN B 251 15.51 -0.62 7.31
CA ASN B 251 15.19 0.42 8.28
C ASN B 251 16.42 1.24 8.71
N LEU B 252 17.54 0.55 8.91
CA LEU B 252 18.81 1.24 9.22
C LEU B 252 19.22 2.19 8.11
N ALA B 253 19.01 1.76 6.87
CA ALA B 253 19.30 2.57 5.69
C ALA B 253 18.40 3.81 5.63
N ARG B 254 17.15 3.67 6.09
CA ARG B 254 16.21 4.79 6.05
C ARG B 254 16.57 5.86 7.09
N GLY B 255 17.34 5.48 8.10
CA GLY B 255 17.79 6.41 9.14
C GLY B 255 17.20 6.16 10.52
N TYR B 256 16.50 5.05 10.67
CA TYR B 256 15.94 4.67 11.97
C TYR B 256 17.05 4.20 12.92
N SER B 257 16.78 4.30 14.21
CA SER B 257 17.72 3.81 15.23
C SER B 257 17.76 2.29 15.19
N LEU B 258 18.84 1.72 15.71
CA LEU B 258 19.01 0.27 15.77
C LEU B 258 17.81 -0.42 16.47
N PRO B 259 17.44 0.03 17.70
CA PRO B 259 16.28 -0.57 18.36
C PRO B 259 14.96 -0.39 17.61
N GLN B 260 14.82 0.74 16.90
CA GLN B 260 13.65 0.96 16.05
C GLN B 260 13.61 -0.01 14.88
N SER B 261 14.75 -0.15 14.20
CA SER B 261 14.86 -0.98 13.01
C SER B 261 14.79 -2.48 13.32
N VAL B 262 15.30 -2.87 14.49
CA VAL B 262 15.23 -4.27 14.93
C VAL B 262 13.78 -4.63 15.27
N TYR B 263 13.09 -3.72 15.97
CA TYR B 263 11.66 -3.90 16.24
C TYR B 263 10.87 -4.00 14.95
N GLY B 264 11.18 -3.09 14.01
CA GLY B 264 10.52 -3.05 12.71
C GLY B 264 10.73 -4.32 11.92
N GLY B 265 11.95 -4.85 11.98
CA GLY B 265 12.30 -6.10 11.31
C GLY B 265 11.53 -7.28 11.86
N ILE B 266 11.62 -7.46 13.17
CA ILE B 266 10.98 -8.58 13.86
C ILE B 266 9.48 -8.65 13.59
N GLU B 267 8.79 -7.51 13.75
CA GLU B 267 7.35 -7.46 13.50
C GLU B 267 6.99 -7.76 12.04
N TYR B 268 7.74 -7.19 11.10
CA TYR B 268 7.49 -7.41 9.68
C TYR B 268 7.59 -8.89 9.28
N VAL B 269 8.62 -9.57 9.76
CA VAL B 269 8.79 -11.00 9.50
C VAL B 269 7.64 -11.76 10.16
N GLN B 270 7.37 -11.44 11.42
CA GLN B 270 6.32 -12.10 12.19
C GLN B 270 4.92 -11.94 11.60
N ASN B 271 4.68 -10.83 10.90
CA ASN B 271 3.45 -10.64 10.15
C ASN B 271 3.42 -11.49 8.88
N ALA B 272 4.54 -11.48 8.16
CA ALA B 272 4.72 -12.26 6.94
C ALA B 272 4.51 -13.75 7.22
N VAL B 273 4.98 -14.20 8.38
CA VAL B 273 4.75 -15.57 8.85
C VAL B 273 3.28 -15.75 9.24
N ALA B 274 2.77 -14.83 10.06
CA ALA B 274 1.40 -14.90 10.59
C ALA B 274 0.36 -15.01 9.48
N ILE B 275 0.44 -14.12 8.49
CA ILE B 275 -0.46 -14.18 7.33
C ILE B 275 -0.15 -15.41 6.47
N GLY B 276 1.08 -15.49 5.97
CA GLY B 276 1.50 -16.64 5.16
C GLY B 276 0.90 -16.69 3.76
N CYS B 277 1.40 -17.60 2.94
CA CYS B 277 0.93 -17.75 1.57
C CYS B 277 0.92 -19.20 1.12
N ASP B 278 0.04 -19.50 0.16
CA ASP B 278 -0.01 -20.82 -0.45
C ASP B 278 0.59 -20.76 -1.84
N VAL B 279 1.83 -21.23 -1.95
CA VAL B 279 2.66 -21.02 -3.14
C VAL B 279 3.38 -22.29 -3.60
N THR B 280 3.48 -23.27 -2.70
CA THR B 280 4.11 -24.56 -3.02
C THR B 280 3.09 -25.55 -3.57
N LYS B 281 3.58 -26.57 -4.28
CA LYS B 281 2.77 -27.72 -4.64
C LYS B 281 2.54 -28.59 -3.40
N GLU B 282 1.41 -29.28 -3.35
CA GLU B 282 1.04 -30.15 -2.22
C GLU B 282 2.11 -31.21 -1.95
N THR B 283 2.94 -31.49 -2.96
CA THR B 283 4.08 -32.39 -2.83
C THR B 283 5.07 -31.94 -1.75
N VAL B 284 5.16 -30.62 -1.52
CA VAL B 284 6.10 -30.06 -0.55
C VAL B 284 5.63 -30.27 0.89
N LYS B 285 4.45 -29.75 1.21
CA LYS B 285 3.84 -29.86 2.55
C LYS B 285 4.81 -29.53 3.69
N ASN B 287 6.90 -27.46 5.22
CA ASN B 287 7.69 -26.25 5.10
C ASN B 287 7.26 -25.41 3.91
N GLY B 288 7.37 -24.08 4.05
CA GLY B 288 6.96 -23.15 2.99
C GLY B 288 7.48 -21.74 3.18
N PRO B 289 7.40 -20.92 2.12
CA PRO B 289 7.81 -19.51 2.19
C PRO B 289 6.86 -18.67 3.02
N ILE B 290 7.29 -17.44 3.32
CA ILE B 290 6.48 -16.49 4.09
C ILE B 290 5.88 -15.43 3.15
N ASN B 291 5.00 -14.59 3.68
CA ASN B 291 4.31 -13.58 2.88
C ASN B 291 4.97 -12.21 2.94
N HIS B 292 6.03 -12.04 2.15
CA HIS B 292 6.77 -10.77 2.09
C HIS B 292 5.91 -9.62 1.60
N VAL B 293 4.75 -9.96 1.06
CA VAL B 293 4.01 -9.04 0.22
C VAL B 293 2.60 -8.73 0.76
N TYR B 294 2.42 -8.92 2.05
CA TYR B 294 1.12 -8.78 2.72
C TYR B 294 0.59 -7.34 2.77
N ALA B 295 1.48 -6.36 2.66
CA ALA B 295 1.11 -4.95 2.76
C ALA B 295 1.11 -4.24 1.42
N VAL B 296 1.52 -4.95 0.37
CA VAL B 296 1.60 -4.38 -0.96
C VAL B 296 0.21 -4.37 -1.62
N GLU B 297 -0.19 -3.22 -2.12
CA GLU B 297 -1.45 -3.10 -2.86
C GLU B 297 -1.24 -3.44 -4.33
N ILE B 298 -2.29 -3.97 -4.96
CA ILE B 298 -2.24 -4.35 -6.38
C ILE B 298 -2.43 -3.12 -7.27
N PRO B 299 -1.40 -2.79 -8.08
CA PRO B 299 -1.42 -1.59 -8.92
C PRO B 299 -2.69 -1.45 -9.78
N LEU B 300 -3.01 -2.49 -10.55
CA LEU B 300 -4.18 -2.47 -11.44
C LEU B 300 -5.51 -2.18 -10.75
N GLU B 301 -5.65 -2.60 -9.49
CA GLU B 301 -6.89 -2.37 -8.74
C GLU B 301 -7.20 -0.88 -8.53
N LYS B 302 -6.16 -0.07 -8.35
CA LYS B 302 -6.35 1.38 -8.21
C LYS B 302 -6.33 2.09 -9.56
N MET B 303 -5.66 1.51 -10.55
CA MET B 303 -5.56 2.09 -11.89
C MET B 303 -6.89 2.04 -12.63
N LEU B 304 -7.60 0.91 -12.50
CA LEU B 304 -8.87 0.72 -13.19
C LEU B 304 -10.00 1.49 -12.52
N SER B 305 -9.88 1.70 -11.21
CA SER B 305 -10.87 2.43 -10.41
C SER B 305 -10.56 3.92 -10.28
N ASP B 306 -9.45 4.35 -10.90
CA ASP B 306 -9.02 5.74 -10.85
C ASP B 306 -10.04 6.67 -11.51
N GLU B 307 -10.18 7.87 -10.94
CA GLU B 307 -11.13 8.87 -11.42
C GLU B 307 -10.85 9.34 -12.86
N CYS B 308 -9.57 9.33 -13.24
CA CYS B 308 -9.15 9.80 -14.56
C CYS B 308 -8.84 8.67 -15.54
N PHE B 309 -9.40 7.49 -15.30
CA PHE B 309 -9.23 6.35 -16.19
C PHE B 309 -10.07 6.55 -17.44
N THR B 310 -9.41 7.04 -18.49
CA THR B 310 -10.05 7.38 -19.75
C THR B 310 -9.32 6.74 -20.92
N ALA B 311 -9.85 5.62 -21.43
CA ALA B 311 -11.11 5.07 -20.95
C ALA B 311 -11.10 3.54 -20.83
N SER B 312 -12.25 2.99 -20.45
CA SER B 312 -12.47 1.55 -20.34
C SER B 312 -13.28 1.02 -21.52
N ASP B 313 -13.17 1.72 -22.65
CA ASP B 313 -13.92 1.36 -23.86
C ASP B 313 -13.28 0.16 -24.59
N VAL B 314 -12.01 -0.11 -24.29
CA VAL B 314 -11.29 -1.23 -24.89
C VAL B 314 -10.86 -2.28 -23.86
N ILE B 315 -10.43 -1.81 -22.69
CA ILE B 315 -10.11 -2.69 -21.56
C ILE B 315 -11.26 -2.67 -20.55
N PRO B 316 -11.72 -3.85 -20.08
CA PRO B 316 -11.23 -5.23 -20.29
C PRO B 316 -11.22 -5.68 -21.75
N GLY B 329 -30.04 -17.75 -1.51
CA GLY B 329 -31.48 -17.83 -1.30
C GLY B 329 -31.86 -18.19 0.13
N GLY B 330 -32.46 -17.25 0.86
CA GLY B 330 -32.82 -15.94 0.33
C GLY B 330 -32.09 -14.78 0.99
N ASN B 331 -32.26 -14.64 2.31
CA ASN B 331 -31.70 -13.50 3.03
C ASN B 331 -30.26 -13.71 3.54
N PHE B 332 -29.42 -12.72 3.29
CA PHE B 332 -27.99 -12.74 3.60
C PHE B 332 -27.70 -12.79 5.09
N TYR B 333 -28.58 -12.15 5.87
CA TYR B 333 -28.44 -12.12 7.33
C TYR B 333 -28.51 -13.53 7.96
N GLU B 334 -29.58 -14.28 7.67
CA GLU B 334 -29.75 -15.61 8.25
C GLU B 334 -28.70 -16.59 7.74
N TYR B 335 -28.17 -16.32 6.55
CA TYR B 335 -27.06 -17.12 5.99
C TYR B 335 -25.80 -16.93 6.82
N LEU B 336 -25.49 -15.68 7.15
CA LEU B 336 -24.34 -15.36 7.99
C LEU B 336 -24.48 -15.99 9.38
N ILE B 337 -25.62 -15.78 10.03
CA ILE B 337 -25.92 -16.37 11.35
C ILE B 337 -25.63 -17.87 11.41
N ASN B 338 -26.05 -18.60 10.38
CA ASN B 338 -25.96 -20.06 10.36
C ASN B 338 -24.73 -20.62 9.62
N HIS B 339 -23.79 -19.74 9.28
CA HIS B 339 -22.51 -20.15 8.69
C HIS B 339 -21.60 -20.68 9.79
N PRO B 340 -20.94 -21.84 9.56
CA PRO B 340 -20.05 -22.48 10.54
C PRO B 340 -18.97 -21.58 11.12
N LYS B 341 -18.44 -20.66 10.30
CA LYS B 341 -17.36 -19.77 10.74
C LYS B 341 -17.82 -18.73 11.76
N VAL B 342 -19.05 -18.25 11.65
CA VAL B 342 -19.54 -17.22 12.57
C VAL B 342 -20.41 -17.77 13.72
N LYS B 343 -20.97 -18.97 13.52
CA LYS B 343 -21.91 -19.58 14.47
C LYS B 343 -21.50 -19.56 15.96
N PRO B 344 -20.30 -20.09 16.30
CA PRO B 344 -19.95 -20.12 17.73
C PRO B 344 -19.65 -18.74 18.31
N HIS B 345 -19.22 -17.80 17.46
CA HIS B 345 -18.92 -16.44 17.92
C HIS B 345 -20.19 -15.61 18.06
N TRP B 346 -21.14 -15.84 17.16
CA TRP B 346 -22.46 -15.22 17.22
C TRP B 346 -23.27 -15.74 18.40
N ASP B 347 -23.21 -17.04 18.63
CA ASP B 347 -23.94 -17.68 19.73
C ASP B 347 -23.46 -17.19 21.09
N SER B 348 -22.14 -17.07 21.23
CA SER B 348 -21.53 -16.56 22.46
C SER B 348 -21.84 -15.07 22.66
N TYR B 349 -22.17 -14.40 21.57
CA TYR B 349 -22.43 -12.97 21.55
C TYR B 349 -23.86 -12.70 22.05
N ILE B 350 -24.86 -13.20 21.32
CA ILE B 350 -26.25 -12.94 21.67
C ILE B 350 -26.71 -13.63 22.97
N ASN B 351 -26.01 -14.70 23.35
CA ASN B 351 -26.31 -15.43 24.58
C ASN B 351 -25.24 -15.24 25.67
N HIS B 352 -24.65 -14.05 25.72
CA HIS B 352 -23.60 -13.73 26.69
C HIS B 352 -24.19 -13.58 28.09
N GLU B 353 -23.42 -14.00 29.09
CA GLU B 353 -23.84 -13.93 30.49
C GLU B 353 -24.05 -12.50 30.97
N PHE B 354 -23.30 -11.57 30.39
CA PHE B 354 -23.43 -10.13 30.68
C PHE B 354 -24.88 -9.66 30.61
N VAL B 355 -25.57 -10.04 29.53
CA VAL B 355 -26.98 -9.70 29.34
C VAL B 355 -27.84 -10.35 30.43
N LYS B 356 -27.53 -11.58 30.78
CA LYS B 356 -28.25 -12.32 31.82
C LYS B 356 -28.07 -11.67 33.19
N LYS B 357 -26.83 -11.34 33.53
CA LYS B 357 -26.48 -10.74 34.83
C LYS B 357 -27.02 -9.32 34.98
N VAL B 358 -27.25 -8.63 33.86
CA VAL B 358 -27.86 -7.30 33.87
C VAL B 358 -29.38 -7.41 34.04
N ALA B 359 -29.98 -8.38 33.36
CA ALA B 359 -31.43 -8.63 33.44
C ALA B 359 -31.91 -8.95 34.85
N ASP B 360 -31.19 -9.83 35.54
CA ASP B 360 -31.57 -10.26 36.89
C ASP B 360 -30.79 -9.53 38.01
N GLY B 361 -30.20 -8.39 37.66
CA GLY B 361 -29.52 -7.52 38.62
C GLY B 361 -28.31 -8.11 39.34
N THR B 362 -27.88 -9.30 38.92
CA THR B 362 -26.75 -9.99 39.54
C THR B 362 -25.42 -9.27 39.30
N LEU B 363 -25.23 -8.75 38.10
CA LEU B 363 -24.01 -8.02 37.73
C LEU B 363 -23.70 -6.90 38.71
N GLU B 364 -22.47 -6.91 39.23
CA GLU B 364 -22.05 -5.95 40.26
C GLU B 364 -22.04 -4.52 39.73
N ARG B 365 -22.35 -3.57 40.62
CA ARG B 365 -22.38 -2.14 40.29
C ARG B 365 -21.11 -1.67 39.56
N LYS B 366 -19.95 -2.10 40.05
CA LYS B 366 -18.66 -1.71 39.48
C LYS B 366 -18.37 -2.37 38.12
N LYS B 367 -18.92 -3.56 37.90
CA LYS B 367 -18.76 -4.28 36.64
C LYS B 367 -19.37 -3.47 35.48
N PHE B 368 -20.58 -2.98 35.70
CA PHE B 368 -21.28 -2.15 34.73
C PHE B 368 -20.61 -0.79 34.59
N GLN B 369 -20.04 -0.31 35.70
CA GLN B 369 -19.28 0.94 35.70
C GLN B 369 -18.13 0.88 34.70
N PHE B 370 -17.44 -0.25 34.67
CA PHE B 370 -16.35 -0.51 33.72
C PHE B 370 -16.88 -0.49 32.28
N PHE B 371 -18.01 -1.15 32.04
CA PHE B 371 -18.62 -1.25 30.72
C PHE B 371 -18.84 0.12 30.08
N ILE B 372 -19.57 1.00 30.77
CA ILE B 372 -19.89 2.31 30.22
C ILE B 372 -18.68 3.25 30.29
N GLU B 373 -17.74 2.95 31.18
CA GLU B 373 -16.47 3.69 31.28
C GLU B 373 -15.61 3.39 30.05
N GLN B 374 -15.69 2.15 29.58
CA GLN B 374 -14.93 1.69 28.44
C GLN B 374 -15.58 2.13 27.12
N ASP B 375 -16.91 2.15 27.12
CA ASP B 375 -17.68 2.58 25.95
C ASP B 375 -17.43 4.06 25.70
N TYR B 376 -17.39 4.84 26.79
CA TYR B 376 -17.06 6.27 26.76
C TYR B 376 -15.71 6.51 26.11
N ALA B 377 -14.72 5.70 26.49
CA ALA B 377 -13.36 5.83 26.00
C ALA B 377 -13.28 5.65 24.49
N TYR B 378 -14.23 4.91 23.93
CA TYR B 378 -14.24 4.61 22.50
C TYR B 378 -15.00 5.64 21.65
N LEU B 379 -15.94 6.36 22.27
CA LEU B 379 -16.87 7.24 21.56
C LEU B 379 -16.24 8.22 20.56
N VAL B 380 -15.02 8.67 20.83
CA VAL B 380 -14.31 9.55 19.89
C VAL B 380 -13.89 8.77 18.65
N ASP B 381 -13.29 7.60 18.87
CA ASP B 381 -12.92 6.70 17.78
C ASP B 381 -14.16 6.18 17.03
N TYR B 382 -15.23 5.95 17.78
CA TYR B 382 -16.53 5.58 17.22
C TYR B 382 -16.99 6.61 16.19
N ALA B 383 -16.82 7.88 16.53
CA ALA B 383 -17.18 8.99 15.63
C ALA B 383 -16.33 9.03 14.36
N ARG B 384 -15.05 8.66 14.47
CA ARG B 384 -14.15 8.64 13.32
C ARG B 384 -14.60 7.58 12.33
N VAL B 385 -15.03 6.42 12.85
CA VAL B 385 -15.52 5.32 12.04
C VAL B 385 -16.69 5.76 11.16
N HIS B 386 -17.67 6.43 11.77
CA HIS B 386 -18.88 6.81 11.06
C HIS B 386 -18.72 7.99 10.11
N CYS B 387 -17.69 8.81 10.33
CA CYS B 387 -17.27 9.81 9.35
C CYS B 387 -16.86 9.11 8.04
N ILE B 388 -16.06 8.07 8.16
CA ILE B 388 -15.63 7.24 7.04
C ILE B 388 -16.82 6.52 6.41
N ALA B 389 -17.75 6.06 7.25
CA ALA B 389 -18.98 5.41 6.78
C ALA B 389 -19.86 6.36 5.98
N GLY B 390 -19.91 7.62 6.41
CA GLY B 390 -20.62 8.68 5.69
C GLY B 390 -19.97 8.99 4.35
N SER B 391 -18.64 8.99 4.32
CA SER B 391 -17.88 9.29 3.10
C SER B 391 -17.97 8.17 2.08
N LYS B 392 -18.27 6.95 2.53
CA LYS B 392 -18.33 5.78 1.64
C LYS B 392 -19.75 5.40 1.29
N ALA B 393 -20.72 6.05 1.95
CA ALA B 393 -22.15 5.81 1.72
C ALA B 393 -22.52 6.01 0.25
N PRO B 394 -23.36 5.11 -0.29
CA PRO B 394 -23.68 5.11 -1.72
C PRO B 394 -24.47 6.33 -2.18
N CYS B 395 -25.16 7.00 -1.25
CA CYS B 395 -25.89 8.23 -1.54
C CYS B 395 -25.79 9.23 -0.38
N LEU B 396 -25.92 10.51 -0.72
CA LEU B 396 -25.78 11.61 0.23
C LEU B 396 -26.81 11.57 1.37
N GLU B 397 -27.95 10.91 1.11
CA GLU B 397 -28.99 10.70 2.11
C GLU B 397 -28.47 9.79 3.22
N ASP B 398 -27.72 8.77 2.83
CA ASP B 398 -27.08 7.86 3.78
C ASP B 398 -25.91 8.50 4.51
N MET B 399 -25.25 9.46 3.86
CA MET B 399 -24.18 10.25 4.48
C MET B 399 -24.73 11.07 5.64
N GLU B 400 -25.83 11.78 5.38
CA GLU B 400 -26.50 12.62 6.38
C GLU B 400 -26.94 11.83 7.60
N LYS B 401 -27.37 10.59 7.39
CA LYS B 401 -27.73 9.70 8.49
C LYS B 401 -26.52 9.39 9.37
N GLU B 402 -25.36 9.22 8.74
CA GLU B 402 -24.12 8.90 9.45
C GLU B 402 -23.54 10.11 10.18
N LEU B 403 -23.84 11.30 9.69
CA LEU B 403 -23.38 12.54 10.35
C LEU B 403 -24.26 12.96 11.51
N VAL B 404 -25.48 12.42 11.54
CA VAL B 404 -26.37 12.59 12.70
C VAL B 404 -25.79 11.83 13.89
N ILE B 405 -25.38 10.58 13.64
CA ILE B 405 -24.73 9.74 14.64
C ILE B 405 -23.47 10.44 15.20
N VAL B 406 -22.66 11.00 14.30
CA VAL B 406 -21.45 11.74 14.67
C VAL B 406 -21.80 13.03 15.41
N GLY B 407 -22.88 13.67 15.00
CA GLY B 407 -23.37 14.89 15.64
C GLY B 407 -23.89 14.72 17.06
N GLY B 408 -24.30 13.49 17.39
CA GLY B 408 -24.86 13.18 18.70
C GLY B 408 -23.88 12.60 19.71
N VAL B 409 -22.67 12.29 19.24
CA VAL B 409 -21.64 11.70 20.10
C VAL B 409 -21.28 12.61 21.27
N ARG B 410 -21.32 13.92 21.02
CA ARG B 410 -21.11 14.93 22.05
C ARG B 410 -22.02 14.69 23.26
N THR B 411 -23.32 14.60 23.01
CA THR B 411 -24.30 14.45 24.08
C THR B 411 -24.25 13.05 24.69
N GLU B 412 -23.91 12.07 23.85
CA GLU B 412 -23.74 10.69 24.31
C GLU B 412 -22.58 10.61 25.31
N MET B 413 -21.48 11.32 25.00
CA MET B 413 -20.35 11.45 25.91
C MET B 413 -20.74 12.09 27.23
N GLY B 414 -21.57 13.14 27.15
CA GLY B 414 -22.06 13.86 28.33
C GLY B 414 -23.01 13.03 29.16
N GLN B 415 -23.91 12.29 28.49
CA GLN B 415 -24.86 11.42 29.15
C GLN B 415 -24.18 10.29 29.94
N HIS B 416 -23.00 9.88 29.48
CA HIS B 416 -22.17 8.91 30.19
C HIS B 416 -21.54 9.54 31.44
N GLU B 417 -21.12 10.80 31.30
CA GLU B 417 -20.51 11.55 32.40
C GLU B 417 -21.53 11.84 33.50
N LYS B 418 -22.75 12.20 33.09
CA LYS B 418 -23.84 12.47 34.02
C LYS B 418 -24.27 11.22 34.76
N ARG B 419 -24.09 10.06 34.12
CA ARG B 419 -24.43 8.78 34.74
C ARG B 419 -23.36 8.33 35.73
N LEU B 420 -22.10 8.65 35.44
CA LEU B 420 -20.99 8.30 36.31
C LEU B 420 -20.86 9.26 37.50
N LYS B 421 -21.45 10.44 37.38
CA LYS B 421 -21.47 11.41 38.47
C LYS B 421 -22.65 11.17 39.41
N GLU B 422 -23.83 10.99 38.84
CA GLU B 422 -25.07 10.88 39.61
C GLU B 422 -25.33 9.48 40.18
N VAL B 423 -24.96 8.45 39.43
CA VAL B 423 -25.20 7.06 39.85
C VAL B 423 -23.94 6.35 40.34
N PHE B 424 -22.77 6.93 40.05
CA PHE B 424 -21.49 6.37 40.46
C PHE B 424 -20.59 7.44 41.08
N GLY B 425 -19.29 7.14 41.23
CA GLY B 425 -18.33 8.07 41.79
C GLY B 425 -17.99 9.23 40.86
N VAL B 426 -18.13 10.45 41.39
CA VAL B 426 -17.81 11.67 40.66
C VAL B 426 -16.49 12.26 41.15
N LYS B 427 -15.51 11.40 41.38
CA LYS B 427 -14.20 11.82 41.88
C LYS B 427 -13.48 12.71 40.88
N ASP B 428 -13.64 14.02 41.05
CA ASP B 428 -13.01 15.05 40.21
C ASP B 428 -13.63 15.17 38.82
N PRO B 429 -13.49 16.35 38.18
CA PRO B 429 -13.90 16.52 36.79
C PRO B 429 -12.90 15.90 35.81
N ASP B 430 -11.65 15.73 36.26
CA ASP B 430 -10.57 15.21 35.42
C ASP B 430 -10.53 13.67 35.36
N TYR B 431 -11.58 13.03 35.88
CA TYR B 431 -11.69 11.57 35.91
C TYR B 431 -11.83 10.96 34.53
N PHE B 432 -12.61 11.61 33.67
CA PHE B 432 -12.99 11.07 32.37
C PHE B 432 -11.85 11.16 31.34
N GLN B 433 -10.81 11.92 31.69
CA GLN B 433 -9.62 12.04 30.85
C GLN B 433 -8.63 10.93 31.17
N LYS B 434 -8.73 10.41 32.40
CA LYS B 434 -7.75 9.46 32.94
C LYS B 434 -8.19 7.99 32.86
N ILE B 435 -9.19 7.71 32.02
CA ILE B 435 -9.70 6.34 31.84
C ILE B 435 -8.76 5.54 30.94
N LYS B 436 -8.35 4.37 31.43
CA LYS B 436 -7.40 3.51 30.72
C LYS B 436 -8.13 2.51 29.80
N ARG B 437 -7.69 2.46 28.55
CA ARG B 437 -8.24 1.53 27.55
C ARG B 437 -7.83 0.09 27.87
N GLY B 438 -8.81 -0.80 27.91
CA GLY B 438 -8.59 -2.22 28.17
C GLY B 438 -8.19 -2.99 26.92
N PRO B 439 -7.71 -4.24 27.08
CA PRO B 439 -7.26 -5.05 25.95
C PRO B 439 -8.37 -5.29 24.92
N ALA B 440 -9.55 -5.68 25.41
CA ALA B 440 -10.70 -5.95 24.56
C ALA B 440 -11.16 -4.70 23.80
N LEU B 441 -11.11 -3.55 24.47
CA LEU B 441 -11.41 -2.27 23.84
C LEU B 441 -10.36 -1.91 22.79
N ARG B 442 -9.09 -2.09 23.16
CA ARG B 442 -7.97 -1.84 22.26
C ARG B 442 -8.07 -2.63 20.95
N ALA B 443 -8.38 -3.93 21.07
CA ALA B 443 -8.52 -4.79 19.90
C ALA B 443 -9.75 -4.43 19.07
N TYR B 444 -10.81 -4.02 19.76
CA TYR B 444 -12.05 -3.59 19.12
C TYR B 444 -11.78 -2.36 18.28
N SER B 445 -11.10 -1.39 18.88
CA SER B 445 -10.79 -0.10 18.24
C SER B 445 -9.88 -0.27 17.02
N ARG B 446 -8.82 -1.05 17.19
CA ARG B 446 -7.86 -1.30 16.13
C ARG B 446 -8.51 -1.96 14.92
N TYR B 447 -9.42 -2.90 15.18
CA TYR B 447 -10.11 -3.63 14.12
C TYR B 447 -10.97 -2.72 13.26
N PHE B 448 -11.76 -1.88 13.92
CA PHE B 448 -12.67 -0.98 13.22
C PHE B 448 -11.93 0.17 12.54
N ASN B 449 -10.78 0.55 13.09
CA ASN B 449 -9.94 1.55 12.45
C ASN B 449 -9.32 0.99 11.17
N ASP B 450 -8.90 -0.27 11.22
CA ASP B 450 -8.25 -0.93 10.10
C ASP B 450 -9.20 -1.18 8.94
N VAL B 451 -10.41 -1.69 9.23
CA VAL B 451 -11.39 -2.00 8.18
C VAL B 451 -11.90 -0.73 7.51
N SER B 452 -12.13 0.31 8.30
CA SER B 452 -12.61 1.58 7.77
C SER B 452 -11.56 2.30 6.92
N ARG B 453 -10.29 2.19 7.32
CA ARG B 453 -9.20 2.83 6.59
C ARG B 453 -8.80 2.06 5.33
N ARG B 454 -8.84 0.73 5.41
CA ARG B 454 -8.29 -0.13 4.36
C ARG B 454 -9.34 -0.78 3.45
N GLY B 455 -10.53 -1.03 4.00
CA GLY B 455 -11.55 -1.78 3.30
C GLY B 455 -12.49 -0.95 2.45
N ASN B 456 -13.43 -1.61 1.79
CA ASN B 456 -14.44 -0.91 1.00
C ASN B 456 -15.75 -0.73 1.77
N TRP B 457 -16.73 -0.10 1.12
CA TRP B 457 -17.98 0.22 1.78
C TRP B 457 -18.74 -0.99 2.34
N GLN B 458 -18.81 -2.07 1.56
CA GLN B 458 -19.56 -3.25 1.97
C GLN B 458 -18.85 -4.04 3.07
N GLU B 459 -17.52 -3.99 3.06
CA GLU B 459 -16.71 -4.59 4.11
C GLU B 459 -16.88 -3.88 5.45
N LEU B 460 -17.08 -2.56 5.41
CA LEU B 460 -17.32 -1.77 6.61
C LEU B 460 -18.70 -2.07 7.16
N VAL B 461 -19.68 -2.20 6.25
CA VAL B 461 -21.05 -2.51 6.62
C VAL B 461 -21.13 -3.88 7.29
N ALA B 462 -20.45 -4.85 6.70
CA ALA B 462 -20.37 -6.21 7.24
C ALA B 462 -19.82 -6.23 8.66
N SER B 463 -18.90 -5.31 8.96
CA SER B 463 -18.32 -5.20 10.30
C SER B 463 -19.25 -4.46 11.26
N LEU B 464 -20.01 -3.50 10.74
CA LEU B 464 -20.91 -2.69 11.57
C LEU B 464 -22.23 -3.40 11.93
N THR B 465 -22.63 -4.35 11.09
CA THR B 465 -23.90 -5.06 11.25
C THR B 465 -24.04 -5.86 12.56
N PRO B 466 -23.02 -6.67 12.94
CA PRO B 466 -23.09 -7.40 14.20
C PRO B 466 -23.34 -6.53 15.42
N CYS B 467 -22.83 -5.30 15.37
CA CYS B 467 -22.99 -4.34 16.46
C CYS B 467 -24.46 -3.97 16.63
N LEU B 468 -25.14 -3.74 15.51
CA LEU B 468 -26.57 -3.45 15.53
C LEU B 468 -27.40 -4.68 15.92
N MET B 469 -27.30 -5.73 15.10
CA MET B 469 -28.15 -6.92 15.22
C MET B 469 -27.92 -7.72 16.50
N GLY B 470 -26.64 -7.85 16.87
CA GLY B 470 -26.25 -8.64 18.04
C GLY B 470 -26.85 -8.18 19.34
N TYR B 471 -26.79 -6.86 19.59
CA TYR B 471 -27.37 -6.26 20.79
C TYR B 471 -28.88 -6.47 20.86
N GLY B 472 -29.55 -6.21 19.75
CA GLY B 472 -31.01 -6.31 19.66
C GLY B 472 -31.56 -7.67 20.03
N GLU B 473 -31.10 -8.70 19.33
CA GLU B 473 -31.60 -10.05 19.55
C GLU B 473 -31.05 -10.72 20.81
N ALA B 474 -30.01 -10.13 21.39
CA ALA B 474 -29.51 -10.56 22.70
C ALA B 474 -30.53 -10.21 23.78
N LEU B 475 -31.20 -9.08 23.60
CA LEU B 475 -32.15 -8.58 24.58
C LEU B 475 -33.60 -8.85 24.20
N THR B 476 -33.84 -9.18 22.93
CA THR B 476 -35.15 -9.68 22.51
C THR B 476 -35.37 -11.02 23.21
N LYS B 477 -34.32 -11.84 23.25
CA LYS B 477 -34.30 -13.09 24.00
C LYS B 477 -34.51 -12.84 25.50
N MET B 478 -34.17 -11.64 25.94
CA MET B 478 -34.23 -11.28 27.35
C MET B 478 -35.55 -10.61 27.73
N LYS B 479 -36.52 -10.64 26.82
CA LYS B 479 -37.88 -10.18 27.11
C LYS B 479 -38.76 -11.37 27.40
N GLY B 480 -39.17 -11.54 28.67
CA GLY B 480 -38.77 -10.67 29.77
C GLY B 480 -39.51 -11.09 31.03
N LYS B 481 -38.83 -11.65 32.04
CA LYS B 481 -37.36 -11.87 32.11
C LYS B 481 -36.54 -10.67 32.60
N VAL B 482 -37.16 -9.49 32.65
CA VAL B 482 -36.49 -8.32 33.20
C VAL B 482 -36.82 -8.15 34.69
N THR B 483 -35.83 -8.41 35.54
CA THR B 483 -36.02 -8.42 36.99
C THR B 483 -35.54 -7.14 37.68
N ALA B 484 -34.73 -6.35 36.96
CA ALA B 484 -34.21 -5.09 37.49
C ALA B 484 -35.32 -4.03 37.60
N PRO B 485 -35.41 -3.35 38.76
CA PRO B 485 -36.46 -2.37 39.02
C PRO B 485 -36.57 -1.32 37.92
N GLU B 486 -37.81 -1.02 37.52
CA GLU B 486 -38.07 -0.03 36.47
C GLU B 486 -37.57 1.35 36.89
N GLY B 487 -36.87 2.03 35.98
CA GLY B 487 -36.30 3.35 36.25
C GLY B 487 -34.80 3.32 36.46
N SER B 488 -34.25 2.15 36.72
CA SER B 488 -32.80 1.98 36.94
C SER B 488 -32.02 1.89 35.63
N VAL B 489 -30.71 2.11 35.72
CA VAL B 489 -29.80 2.06 34.57
C VAL B 489 -29.78 0.68 33.90
N TYR B 490 -29.88 -0.36 34.72
CA TYR B 490 -30.01 -1.74 34.26
C TYR B 490 -31.27 -1.92 33.43
N HIS B 491 -32.38 -1.38 33.92
CA HIS B 491 -33.66 -1.42 33.22
C HIS B 491 -33.60 -0.58 31.94
N GLU B 492 -33.05 0.63 32.05
CA GLU B 492 -32.86 1.53 30.91
C GLU B 492 -32.12 0.86 29.76
N TRP B 493 -30.99 0.24 30.08
CA TRP B 493 -30.12 -0.40 29.09
C TRP B 493 -30.79 -1.56 28.36
N CYS B 494 -31.52 -2.39 29.10
CA CYS B 494 -32.26 -3.51 28.54
C CYS B 494 -33.37 -3.06 27.59
N GLU B 495 -34.16 -2.10 28.04
CA GLU B 495 -35.31 -1.63 27.28
C GLU B 495 -34.90 -0.86 26.04
N THR B 496 -33.74 -0.22 26.09
CA THR B 496 -33.22 0.56 24.96
C THR B 496 -33.02 -0.30 23.71
N TYR B 497 -32.50 -1.51 23.90
CA TYR B 497 -32.23 -2.43 22.79
C TYR B 497 -33.37 -3.42 22.53
N ALA B 498 -34.48 -3.27 23.25
CA ALA B 498 -35.62 -4.17 23.09
C ALA B 498 -36.89 -3.46 22.58
N SER B 499 -36.78 -2.15 22.37
CA SER B 499 -37.90 -1.35 21.85
C SER B 499 -38.15 -1.66 20.38
N SER B 500 -39.38 -1.41 19.93
CA SER B 500 -39.76 -1.63 18.55
C SER B 500 -38.99 -0.74 17.57
N TRP B 501 -38.56 0.43 18.06
CA TRP B 501 -37.77 1.39 17.27
C TRP B 501 -36.40 0.84 16.90
N TYR B 502 -35.78 0.11 17.84
CA TYR B 502 -34.49 -0.52 17.59
C TYR B 502 -34.63 -1.69 16.61
N ARG B 503 -35.69 -2.48 16.78
CA ARG B 503 -35.99 -3.58 15.88
C ARG B 503 -36.26 -3.10 14.45
N GLU B 504 -36.80 -1.89 14.34
CA GLU B 504 -37.00 -1.26 13.03
C GLU B 504 -35.67 -0.90 12.38
N ALA B 505 -34.74 -0.36 13.18
CA ALA B 505 -33.39 -0.07 12.70
C ALA B 505 -32.67 -1.36 12.33
N MET B 506 -32.98 -2.44 13.06
CA MET B 506 -32.48 -3.78 12.74
C MET B 506 -32.99 -4.23 11.37
N ASP B 507 -34.27 -3.97 11.10
CA ASP B 507 -34.89 -4.31 9.82
C ASP B 507 -34.23 -3.59 8.66
N GLU B 508 -33.88 -2.32 8.87
CA GLU B 508 -33.15 -1.53 7.88
C GLU B 508 -31.72 -2.06 7.70
N GLY B 509 -31.15 -2.59 8.78
CA GLY B 509 -29.82 -3.22 8.73
C GLY B 509 -29.83 -4.48 7.89
N GLU B 510 -30.78 -5.37 8.19
CA GLU B 510 -30.96 -6.62 7.47
C GLU B 510 -31.14 -6.42 5.97
N LYS B 511 -31.86 -5.36 5.60
CA LYS B 511 -32.07 -5.02 4.20
C LYS B 511 -30.77 -4.63 3.50
N LEU B 512 -29.94 -3.85 4.19
CA LEU B 512 -28.68 -3.36 3.64
C LEU B 512 -27.74 -4.52 3.28
N LEU B 513 -27.67 -5.53 4.14
CA LEU B 513 -26.89 -6.74 3.88
C LEU B 513 -27.37 -7.46 2.62
N ASN B 514 -28.69 -7.53 2.44
CA ASN B 514 -29.28 -8.14 1.27
C ASN B 514 -29.10 -7.31 0.01
N HIS B 515 -28.95 -6.00 0.20
CA HIS B 515 -28.69 -5.09 -0.92
C HIS B 515 -27.27 -5.22 -1.44
N ILE B 516 -26.33 -5.53 -0.54
CA ILE B 516 -24.92 -5.68 -0.93
C ILE B 516 -24.64 -7.02 -1.62
N LEU B 517 -25.61 -7.93 -1.59
CA LEU B 517 -25.50 -9.20 -2.33
C LEU B 517 -25.51 -9.00 -3.85
N GLU B 518 -26.34 -8.07 -4.33
CA GLU B 518 -26.45 -7.78 -5.75
C GLU B 518 -25.37 -6.79 -6.23
N THR B 519 -24.59 -6.27 -5.29
CA THR B 519 -23.57 -5.25 -5.59
C THR B 519 -22.15 -5.83 -5.46
N TYR B 520 -22.04 -6.99 -4.82
CA TYR B 520 -20.74 -7.55 -4.43
C TYR B 520 -20.48 -8.92 -5.08
N PRO B 521 -19.27 -9.11 -5.64
CA PRO B 521 -18.88 -10.37 -6.28
C PRO B 521 -18.90 -11.58 -5.32
N PRO B 522 -19.41 -12.73 -5.78
CA PRO B 522 -19.52 -13.95 -4.95
C PRO B 522 -18.18 -14.56 -4.56
N GLU B 523 -17.12 -14.26 -5.31
CA GLU B 523 -15.77 -14.76 -5.00
C GLU B 523 -15.24 -14.16 -3.69
N GLN B 524 -15.68 -12.94 -3.39
CA GLN B 524 -15.23 -12.21 -2.22
C GLN B 524 -16.18 -12.34 -1.02
N LEU B 525 -17.17 -13.23 -1.16
CA LEU B 525 -18.20 -13.43 -0.13
C LEU B 525 -17.65 -13.93 1.20
N ASP B 526 -16.64 -14.79 1.15
CA ASP B 526 -16.05 -15.38 2.35
C ASP B 526 -15.41 -14.34 3.27
N THR B 527 -14.82 -13.30 2.69
CA THR B 527 -14.21 -12.22 3.46
C THR B 527 -15.25 -11.47 4.30
N LEU B 528 -16.43 -11.26 3.72
CA LEU B 528 -17.56 -10.66 4.44
C LEU B 528 -18.04 -11.54 5.59
N VAL B 529 -17.96 -12.85 5.40
CA VAL B 529 -18.28 -13.81 6.45
C VAL B 529 -17.26 -13.73 7.59
N THR B 530 -15.97 -13.78 7.23
CA THR B 530 -14.89 -13.73 8.22
C THR B 530 -14.96 -12.48 9.10
N ILE B 531 -15.19 -11.33 8.47
CA ILE B 531 -15.24 -10.07 9.23
C ILE B 531 -16.46 -9.99 10.14
N TYR B 532 -17.60 -10.50 9.67
CA TYR B 532 -18.79 -10.62 10.51
C TYR B 532 -18.49 -11.50 11.73
N ALA B 533 -17.78 -12.60 11.49
CA ALA B 533 -17.36 -13.53 12.56
C ALA B 533 -16.43 -12.85 13.56
N GLU B 534 -15.46 -12.11 13.06
CA GLU B 534 -14.44 -11.50 13.91
C GLU B 534 -15.00 -10.39 14.80
N VAL B 535 -15.98 -9.65 14.28
CA VAL B 535 -16.66 -8.61 15.07
C VAL B 535 -17.48 -9.23 16.21
N CYS B 536 -18.13 -10.36 15.92
CA CYS B 536 -18.86 -11.10 16.95
C CYS B 536 -17.95 -11.50 18.09
N GLU B 537 -16.80 -12.09 17.76
CA GLU B 537 -15.78 -12.46 18.74
C GLU B 537 -15.32 -11.27 19.56
N LEU B 538 -15.08 -10.14 18.89
CA LEU B 538 -14.62 -8.92 19.57
C LEU B 538 -15.69 -8.36 20.51
N GLU B 539 -16.95 -8.45 20.10
CA GLU B 539 -18.07 -8.03 20.93
C GLU B 539 -18.27 -8.90 22.17
N THR B 540 -18.04 -10.21 22.03
CA THR B 540 -18.04 -11.13 23.17
C THR B 540 -16.87 -10.80 24.11
N ASN B 541 -15.73 -10.46 23.51
CA ASN B 541 -14.54 -10.09 24.27
C ASN B 541 -14.72 -8.78 25.03
N PHE B 542 -15.41 -7.82 24.42
CA PHE B 542 -15.75 -6.57 25.08
C PHE B 542 -16.66 -6.82 26.28
N TRP B 543 -17.58 -7.77 26.13
CA TRP B 543 -18.50 -8.12 27.22
C TRP B 543 -17.87 -8.99 28.31
N THR B 544 -17.02 -9.94 27.91
CA THR B 544 -16.34 -10.81 28.88
C THR B 544 -15.33 -10.07 29.76
N ALA B 545 -14.80 -8.95 29.25
CA ALA B 545 -13.88 -8.12 30.01
C ALA B 545 -14.57 -7.39 31.17
N ALA B 546 -15.84 -7.04 30.96
CA ALA B 546 -16.62 -6.31 31.96
C ALA B 546 -17.17 -7.22 33.06
N LEU B 547 -17.36 -8.51 32.74
CA LEU B 547 -17.79 -9.49 33.73
C LEU B 547 -16.60 -10.19 34.41
N GLU B 548 -15.41 -9.59 34.27
CA GLU B 548 -14.19 -10.13 34.86
C GLU B 548 -13.37 -9.04 35.55
N TYR B 549 -13.91 -7.83 35.56
CA TYR B 549 -13.24 -6.65 36.10
C TYR B 549 -13.14 -6.67 37.64
N GLU B 550 -11.92 -6.88 38.12
CA GLU B 550 -11.57 -6.79 39.55
C GLU B 550 -12.67 -7.30 40.49
S SO4 C . 14.07 -5.13 -24.40
O1 SO4 C . 13.67 -5.04 -23.00
O2 SO4 C . 15.30 -5.92 -24.47
O3 SO4 C . 13.01 -5.77 -25.17
O4 SO4 C . 14.32 -3.79 -24.92
S SO4 D . 4.79 11.20 4.21
O1 SO4 D . 5.96 12.04 4.42
O2 SO4 D . 4.39 11.26 2.80
O3 SO4 D . 5.10 9.81 4.56
O4 SO4 D . 3.69 11.68 5.04
S SO4 E . -0.89 2.63 -8.65
O1 SO4 E . -0.09 3.70 -8.08
O2 SO4 E . -1.66 3.15 -9.77
O3 SO4 E . 0.00 1.57 -9.10
O4 SO4 E . -1.81 2.11 -7.63
#